data_6SF6
#
_entry.id   6SF6
#
_cell.length_a   80.174
_cell.length_b   84.421
_cell.length_c   151.885
_cell.angle_alpha   90.000
_cell.angle_beta   90.000
_cell.angle_gamma   90.000
#
_symmetry.space_group_name_H-M   'P 21 21 21'
#
loop_
_entity.id
_entity.type
_entity.pdbx_description
1 polymer 'COMP-reactive monoclonal antibody 15A Fab fragment, heavy chain'
2 polymer 'COMP-reactive monoclonal antibody 15A Fab fragment, light chain'
3 polymer 'P6 epitope of cartilage oligomeric matrix protein (COMP)'
4 non-polymer 'SULFATE ION'
5 non-polymer GLYCEROL
6 water water
#
loop_
_entity_poly.entity_id
_entity_poly.type
_entity_poly.pdbx_seq_one_letter_code
_entity_poly.pdbx_strand_id
1 'polypeptide(L)'
;QVQLQQSGAELAKPGASVNLSCKASGYTFTNYWVHWVKQRPGQGLEWIGYINPSNTYISYNQQFKDKATLTADKSSSTAY
MQLSRLTYEDSSVYYCARGGFFYDYDVWYFDVWGTGTTVTVSSAKTTPPSVYPLAPGSAAQTNSMVTLGCLVKGYFPEPV
TVTWNSGSLSSGVHTFPAVLQSDLYTLSSSVTVPSSTWPSETVTCNVAHPASSTKVDKKIVPRDCGCKPCICT
;
H,A
2 'polypeptide(L)'
;DVLMTQIPLSLPVSLGDQASISCRSSQNIVHSNGNTYLEWYLQKPGQSPKLLIYKVSNRFSGVPDRFSGSGSGTDFTLKI
SRVEAEDLGVYYCFQGSHVPFTFGSGTKLEIKRADAAPTVSIFPPSSEQLTSGGASVVCFLNNFYPKDINVKWKIDGSER
QNGVLNSWTDQDSKDSTYSMSSTLTLTKDEYERHNSYTCEATHKTSTSPIVKSFNRNEC
;
L,B
3 'polypeptide(L)' PSPCHEKAD(CSO)ILERDGSRS C,D
#
loop_
_chem_comp.id
_chem_comp.type
_chem_comp.name
_chem_comp.formula
GOL non-polymer GLYCEROL 'C3 H8 O3'
SO4 non-polymer 'SULFATE ION' 'O4 S -2'
#
# COMPACT_ATOMS: atom_id res chain seq x y z
N GLN A 1 -14.32 39.75 0.31
CA GLN A 1 -14.47 38.38 -0.25
C GLN A 1 -13.09 37.80 -0.66
N VAL A 2 -12.06 37.96 0.17
CA VAL A 2 -10.70 37.69 -0.24
C VAL A 2 -10.45 36.20 -0.12
N GLN A 3 -10.10 35.57 -1.23
CA GLN A 3 -9.79 34.18 -1.17
C GLN A 3 -8.80 33.73 -2.24
N LEU A 4 -8.18 32.60 -1.96
CA LEU A 4 -7.28 31.94 -2.86
C LEU A 4 -7.86 30.55 -3.06
N GLN A 5 -8.29 30.26 -4.28
CA GLN A 5 -8.97 28.99 -4.55
C GLN A 5 -8.00 28.01 -5.20
N GLN A 6 -7.83 26.86 -4.55
CA GLN A 6 -7.03 25.78 -5.09
C GLN A 6 -7.91 24.56 -5.32
N SER A 7 -7.60 23.77 -6.31
CA SER A 7 -8.29 22.51 -6.49
C SER A 7 -7.98 21.60 -5.29
N GLY A 8 -8.97 20.81 -4.92
CA GLY A 8 -8.85 19.87 -3.80
C GLY A 8 -7.76 18.81 -3.95
N ALA A 9 -7.57 18.31 -5.18
CA ALA A 9 -6.66 17.18 -5.42
C ALA A 9 -6.08 17.20 -6.82
N GLU A 10 -4.86 16.69 -6.94
CA GLU A 10 -4.30 16.39 -8.24
C GLU A 10 -3.66 15.02 -8.10
N LEU A 11 -4.02 14.12 -9.02
CA LEU A 11 -3.38 12.81 -9.17
C LEU A 11 -2.49 12.92 -10.38
N ALA A 12 -1.21 12.60 -10.22
CA ALA A 12 -0.24 12.64 -11.31
C ALA A 12 0.74 11.47 -11.14
N LYS A 13 1.33 11.04 -12.25
CA LYS A 13 2.12 9.83 -12.27
C LYS A 13 3.56 10.11 -11.90
N PRO A 14 4.25 9.12 -11.28
CA PRO A 14 5.69 9.25 -11.08
C PRO A 14 6.43 9.54 -12.37
N GLY A 15 7.40 10.43 -12.27
CA GLY A 15 8.23 10.79 -13.40
C GLY A 15 7.55 11.81 -14.30
N ALA A 16 6.31 12.21 -13.98
CA ALA A 16 5.61 13.27 -14.71
C ALA A 16 5.71 14.63 -14.04
N SER A 17 4.92 15.58 -14.54
CA SER A 17 4.79 16.85 -13.85
CA SER A 17 4.80 16.91 -13.98
C SER A 17 3.33 17.16 -13.63
N VAL A 18 3.10 18.11 -12.75
CA VAL A 18 1.76 18.57 -12.45
C VAL A 18 1.81 20.08 -12.23
N ASN A 19 0.77 20.78 -12.68
CA ASN A 19 0.59 22.23 -12.50
CA ASN A 19 0.63 22.25 -12.51
C ASN A 19 -0.51 22.51 -11.50
N LEU A 20 -0.17 23.18 -10.40
CA LEU A 20 -1.13 23.51 -9.35
C LEU A 20 -1.54 24.96 -9.58
N SER A 21 -2.84 25.23 -9.46
CA SER A 21 -3.36 26.59 -9.66
C SER A 21 -3.86 27.17 -8.35
N CYS A 22 -3.74 28.48 -8.24
CA CYS A 22 -4.15 29.24 -7.08
C CYS A 22 -4.81 30.52 -7.58
N LYS A 23 -6.14 30.53 -7.58
CA LYS A 23 -6.93 31.58 -8.23
C LYS A 23 -7.31 32.63 -7.19
N ALA A 24 -6.79 33.84 -7.35
CA ALA A 24 -7.07 34.95 -6.43
C ALA A 24 -8.36 35.70 -6.79
N SER A 25 -9.19 36.00 -5.81
CA SER A 25 -10.32 36.83 -6.03
C SER A 25 -10.55 37.71 -4.80
N GLY A 26 -11.25 38.80 -5.04
CA GLY A 26 -11.60 39.75 -3.98
C GLY A 26 -10.50 40.72 -3.58
N TYR A 27 -9.39 40.72 -4.29
CA TYR A 27 -8.34 41.73 -4.05
C TYR A 27 -7.49 41.91 -5.30
N THR A 28 -6.67 42.95 -5.29
CA THR A 28 -5.80 43.25 -6.44
C THR A 28 -4.60 42.30 -6.43
N PHE A 29 -4.69 41.31 -7.34
CA PHE A 29 -3.70 40.25 -7.44
C PHE A 29 -2.26 40.78 -7.55
N THR A 30 -2.09 41.88 -8.27
CA THR A 30 -0.76 42.40 -8.55
C THR A 30 -0.18 43.31 -7.45
N ASN A 31 -0.79 43.34 -6.26
CA ASN A 31 -0.26 44.14 -5.14
C ASN A 31 0.26 43.33 -3.95
N TYR A 32 0.20 41.99 -4.06
CA TYR A 32 0.62 41.14 -2.95
C TYR A 32 1.39 39.91 -3.45
N TRP A 33 2.36 39.46 -2.63
CA TRP A 33 3.10 38.25 -2.94
C TRP A 33 2.25 37.01 -2.74
N VAL A 34 2.41 36.05 -3.63
CA VAL A 34 1.85 34.72 -3.42
C VAL A 34 2.99 33.74 -3.12
N HIS A 35 2.88 33.03 -2.01
CA HIS A 35 3.88 32.03 -1.60
C HIS A 35 3.29 30.64 -1.67
N TRP A 36 4.18 29.65 -1.77
CA TRP A 36 3.75 28.26 -1.78
C TRP A 36 4.42 27.51 -0.62
N VAL A 37 3.67 26.61 0.00
CA VAL A 37 4.09 25.91 1.21
C VAL A 37 3.70 24.43 1.08
N LYS A 38 4.67 23.55 1.36
CA LYS A 38 4.48 22.10 1.35
C LYS A 38 4.20 21.57 2.75
N GLN A 39 3.20 20.71 2.87
CA GLN A 39 2.95 20.01 4.10
C GLN A 39 2.80 18.51 3.85
N ARG A 40 3.79 17.72 4.27
CA ARG A 40 3.68 16.26 4.18
C ARG A 40 2.72 15.74 5.26
N PRO A 41 1.99 14.64 4.99
CA PRO A 41 1.00 14.19 5.95
C PRO A 41 1.62 13.89 7.31
N GLY A 42 1.01 14.38 8.38
CA GLY A 42 1.52 14.19 9.74
C GLY A 42 2.72 15.07 10.09
N GLN A 43 3.20 15.88 9.14
CA GLN A 43 4.47 16.61 9.29
C GLN A 43 4.30 18.13 9.18
N GLY A 44 5.42 18.86 9.27
CA GLY A 44 5.38 20.31 9.39
C GLY A 44 5.19 21.03 8.09
N LEU A 45 5.66 22.27 8.04
CA LEU A 45 5.44 23.15 6.89
C LEU A 45 6.78 23.57 6.31
N GLU A 46 6.86 23.57 5.01
CA GLU A 46 8.09 23.88 4.32
C GLU A 46 7.83 24.94 3.26
N TRP A 47 8.54 26.06 3.35
CA TRP A 47 8.35 27.15 2.41
C TRP A 47 9.10 26.85 1.11
N ILE A 48 8.40 26.95 0.00
CA ILE A 48 8.94 26.62 -1.32
C ILE A 48 9.49 27.86 -2.05
N GLY A 49 8.75 28.96 -1.98
CA GLY A 49 9.10 30.16 -2.72
C GLY A 49 7.96 31.15 -2.80
N TYR A 50 8.23 32.31 -3.41
CA TYR A 50 7.16 33.25 -3.71
C TYR A 50 7.33 33.88 -5.05
N ILE A 51 6.23 34.42 -5.54
CA ILE A 51 6.23 35.22 -6.77
C ILE A 51 5.58 36.58 -6.50
N ASN A 52 6.17 37.60 -7.09
CA ASN A 52 5.57 38.90 -7.28
C ASN A 52 4.72 38.87 -8.58
N PRO A 53 3.37 38.87 -8.44
CA PRO A 53 2.57 38.78 -9.66
C PRO A 53 2.61 40.02 -10.56
N SER A 54 3.03 41.18 -10.06
CA SER A 54 3.09 42.38 -10.95
C SER A 54 4.23 42.34 -11.96
N ASN A 55 5.37 41.79 -11.58
CA ASN A 55 6.55 41.78 -12.47
C ASN A 55 7.21 40.41 -12.66
N THR A 56 6.61 39.38 -12.07
CA THR A 56 7.06 38.00 -12.16
C THR A 56 8.39 37.71 -11.45
N TYR A 57 8.87 38.61 -10.60
CA TYR A 57 10.03 38.30 -9.74
C TYR A 57 9.73 37.07 -8.88
N ILE A 58 10.66 36.11 -8.87
CA ILE A 58 10.50 34.89 -8.07
C ILE A 58 11.66 34.69 -7.13
N SER A 59 11.33 34.35 -5.89
CA SER A 59 12.33 33.96 -4.89
C SER A 59 12.07 32.48 -4.53
N TYR A 60 13.08 31.62 -4.66
CA TYR A 60 12.93 30.17 -4.42
C TYR A 60 13.76 29.78 -3.20
N ASN A 61 13.25 28.81 -2.46
CA ASN A 61 14.06 28.00 -1.58
C ASN A 61 14.95 27.17 -2.50
N GLN A 62 16.26 27.24 -2.29
CA GLN A 62 17.18 26.55 -3.19
C GLN A 62 16.90 25.03 -3.24
N GLN A 63 16.36 24.50 -2.14
CA GLN A 63 15.96 23.09 -2.05
C GLN A 63 14.94 22.66 -3.12
N PHE A 64 14.14 23.62 -3.59
CA PHE A 64 13.15 23.34 -4.62
C PHE A 64 13.49 23.90 -5.99
N LYS A 65 14.71 24.41 -6.18
CA LYS A 65 15.01 25.15 -7.40
C LYS A 65 14.85 24.33 -8.70
N ASP A 66 15.05 23.02 -8.63
CA ASP A 66 14.84 22.13 -9.76
C ASP A 66 13.61 21.22 -9.59
N LYS A 67 12.74 21.55 -8.64
CA LYS A 67 11.52 20.78 -8.42
C LYS A 67 10.30 21.63 -8.73
N ALA A 68 10.31 22.88 -8.28
CA ALA A 68 9.18 23.79 -8.48
C ALA A 68 9.49 24.93 -9.48
N THR A 69 8.48 25.28 -10.26
CA THR A 69 8.54 26.43 -11.16
C THR A 69 7.28 27.29 -10.92
N LEU A 70 7.47 28.56 -10.56
CA LEU A 70 6.35 29.43 -10.24
C LEU A 70 6.10 30.34 -11.41
N THR A 71 4.82 30.56 -11.71
CA THR A 71 4.39 31.53 -12.71
C THR A 71 3.13 32.25 -12.19
N ALA A 72 2.70 33.29 -12.88
CA ALA A 72 1.50 34.03 -12.50
C ALA A 72 0.85 34.58 -13.76
N ASP A 73 -0.47 34.45 -13.88
CA ASP A 73 -1.20 34.97 -15.03
C ASP A 73 -2.05 36.15 -14.56
N LYS A 74 -1.64 37.36 -14.94
CA LYS A 74 -2.33 38.59 -14.51
C LYS A 74 -3.76 38.65 -15.00
N SER A 75 -4.02 38.23 -16.24
CA SER A 75 -5.38 38.39 -16.80
C SER A 75 -6.41 37.52 -16.09
N SER A 76 -5.99 36.37 -15.58
CA SER A 76 -6.88 35.47 -14.85
C SER A 76 -6.67 35.51 -13.35
N SER A 77 -5.78 36.38 -12.89
CA SER A 77 -5.45 36.48 -11.46
C SER A 77 -5.15 35.14 -10.83
N THR A 78 -4.33 34.35 -11.52
CA THR A 78 -4.03 33.00 -11.08
C THR A 78 -2.51 32.82 -11.00
N ALA A 79 -2.07 32.28 -9.88
CA ALA A 79 -0.68 31.87 -9.67
C ALA A 79 -0.60 30.35 -9.84
N TYR A 80 0.53 29.89 -10.39
CA TYR A 80 0.74 28.48 -10.67
C TYR A 80 2.08 28.01 -10.11
N MET A 81 2.11 26.73 -9.72
CA MET A 81 3.34 26.07 -9.36
C MET A 81 3.38 24.74 -10.08
N GLN A 82 4.40 24.56 -10.91
CA GLN A 82 4.65 23.30 -11.55
C GLN A 82 5.62 22.50 -10.71
N LEU A 83 5.25 21.26 -10.42
CA LEU A 83 6.17 20.30 -9.80
C LEU A 83 6.59 19.29 -10.85
N SER A 84 7.88 19.18 -11.11
CA SER A 84 8.38 18.30 -12.16
CA SER A 84 8.40 18.32 -12.16
C SER A 84 9.10 17.07 -11.61
N ARG A 85 9.31 16.09 -12.48
CA ARG A 85 10.03 14.83 -12.14
C ARG A 85 9.46 14.25 -10.87
N LEU A 86 8.15 14.02 -10.86
CA LEU A 86 7.45 13.68 -9.62
C LEU A 86 7.92 12.37 -9.03
N THR A 87 8.12 12.37 -7.71
CA THR A 87 8.40 11.13 -6.97
C THR A 87 7.36 10.98 -5.87
N TYR A 88 7.35 9.82 -5.23
CA TYR A 88 6.41 9.60 -4.13
C TYR A 88 6.61 10.56 -2.96
N GLU A 89 7.82 11.06 -2.80
CA GLU A 89 8.10 12.07 -1.78
C GLU A 89 7.44 13.43 -2.05
N ASP A 90 7.00 13.66 -3.29
CA ASP A 90 6.27 14.89 -3.63
C ASP A 90 4.79 14.82 -3.27
N SER A 91 4.29 13.63 -2.96
CA SER A 91 2.92 13.50 -2.46
C SER A 91 2.83 14.31 -1.17
N SER A 92 1.86 15.22 -1.11
CA SER A 92 1.70 16.14 0.03
C SER A 92 0.55 17.06 -0.24
N VAL A 93 0.17 17.80 0.81
CA VAL A 93 -0.68 18.98 0.64
C VAL A 93 0.21 20.17 0.31
N TYR A 94 -0.17 20.93 -0.72
CA TYR A 94 0.51 22.18 -1.04
C TYR A 94 -0.46 23.34 -0.89
N TYR A 95 -0.05 24.35 -0.12
CA TYR A 95 -0.88 25.58 0.05
C TYR A 95 -0.26 26.71 -0.74
N CYS A 96 -1.11 27.56 -1.31
CA CYS A 96 -0.67 28.90 -1.67
C CYS A 96 -1.14 29.83 -0.58
N ALA A 97 -0.45 30.94 -0.42
CA ALA A 97 -0.83 31.90 0.63
C ALA A 97 -0.48 33.31 0.21
N ARG A 98 -1.32 34.26 0.59
CA ARG A 98 -1.04 35.65 0.33
C ARG A 98 -0.11 36.14 1.42
N GLY A 99 1.06 36.65 1.04
CA GLY A 99 2.11 36.87 2.01
C GLY A 99 2.74 38.22 1.87
N GLY A 100 1.88 39.24 1.94
CA GLY A 100 2.34 40.60 2.09
C GLY A 100 1.85 41.54 1.00
N PHE A 101 1.15 42.59 1.42
CA PHE A 101 0.92 43.76 0.57
C PHE A 101 2.29 44.43 0.38
N PHE A 102 2.66 44.75 -0.85
CA PHE A 102 4.02 45.23 -1.14
C PHE A 102 4.42 46.47 -0.31
N TYR A 103 3.52 47.43 -0.17
CA TYR A 103 3.89 48.77 0.26
C TYR A 103 3.60 49.09 1.73
N ASP A 104 3.30 48.09 2.54
CA ASP A 104 3.19 48.25 3.98
C ASP A 104 4.00 47.12 4.60
N TYR A 105 5.19 47.44 5.04
CA TYR A 105 6.14 46.43 5.53
C TYR A 105 5.72 45.76 6.83
N ASP A 106 4.82 46.39 7.58
CA ASP A 106 4.36 45.79 8.83
C ASP A 106 3.43 44.59 8.63
N VAL A 107 2.83 44.44 7.45
CA VAL A 107 1.84 43.38 7.23
C VAL A 107 2.36 42.32 6.25
N TRP A 108 3.69 42.13 6.24
CA TRP A 108 4.26 41.03 5.50
C TRP A 108 4.12 39.81 6.36
N TYR A 109 3.05 39.06 6.10
CA TYR A 109 2.68 37.87 6.83
C TYR A 109 1.66 37.09 5.99
N PHE A 110 1.36 35.85 6.38
CA PHE A 110 0.43 35.01 5.62
C PHE A 110 -0.98 35.17 6.19
N ASP A 111 -1.71 36.14 5.67
CA ASP A 111 -3.03 36.43 6.22
C ASP A 111 -4.14 35.62 5.56
N VAL A 112 -3.99 35.24 4.31
CA VAL A 112 -5.01 34.49 3.62
C VAL A 112 -4.34 33.26 3.03
N TRP A 113 -4.88 32.09 3.35
CA TRP A 113 -4.38 30.83 2.83
C TRP A 113 -5.36 30.22 1.88
N GLY A 114 -4.86 29.57 0.84
CA GLY A 114 -5.69 28.75 -0.03
C GLY A 114 -6.15 27.51 0.77
N THR A 115 -7.10 26.73 0.29
CA THR A 115 -7.59 25.58 1.06
C THR A 115 -6.68 24.37 0.89
N GLY A 116 -5.69 24.46 0.01
CA GLY A 116 -4.73 23.38 -0.12
C GLY A 116 -5.07 22.40 -1.20
N THR A 117 -4.07 21.94 -1.92
CA THR A 117 -4.27 20.87 -2.91
C THR A 117 -3.52 19.61 -2.43
N THR A 118 -4.25 18.49 -2.31
CA THR A 118 -3.60 17.21 -2.01
C THR A 118 -3.10 16.58 -3.31
N VAL A 119 -1.78 16.62 -3.48
CA VAL A 119 -1.12 15.97 -4.59
C VAL A 119 -0.79 14.52 -4.24
N THR A 120 -1.27 13.58 -5.05
CA THR A 120 -0.92 12.16 -4.92
C THR A 120 -0.15 11.77 -6.14
N VAL A 121 1.07 11.27 -5.94
CA VAL A 121 1.88 10.74 -7.02
C VAL A 121 1.64 9.25 -7.06
N SER A 122 0.98 8.78 -8.11
CA SER A 122 0.67 7.36 -8.24
C SER A 122 0.33 7.05 -9.69
N SER A 123 0.54 5.81 -10.07
CA SER A 123 0.19 5.38 -11.42
C SER A 123 -1.24 4.82 -11.48
N ALA A 124 -1.86 4.65 -10.31
CA ALA A 124 -3.22 4.11 -10.24
C ALA A 124 -4.21 5.13 -10.81
N LYS A 125 -5.36 4.64 -11.22
CA LYS A 125 -6.38 5.54 -11.71
C LYS A 125 -7.32 6.02 -10.61
N THR A 126 -8.08 7.05 -10.94
CA THR A 126 -9.03 7.64 -10.03
C THR A 126 -10.22 6.72 -9.87
N THR A 127 -10.67 6.49 -8.64
CA THR A 127 -11.91 5.75 -8.38
C THR A 127 -12.80 6.59 -7.46
N PRO A 128 -14.02 6.97 -7.91
CA PRO A 128 -14.92 7.72 -7.01
C PRO A 128 -15.52 6.83 -5.92
N PRO A 129 -15.95 7.43 -4.79
CA PRO A 129 -16.47 6.62 -3.69
C PRO A 129 -17.88 6.15 -3.90
N SER A 130 -18.23 5.02 -3.31
CA SER A 130 -19.61 4.69 -3.07
C SER A 130 -19.97 5.28 -1.72
N VAL A 131 -21.17 5.85 -1.62
CA VAL A 131 -21.61 6.48 -0.38
C VAL A 131 -22.86 5.79 0.12
N TYR A 132 -22.77 5.24 1.32
CA TYR A 132 -23.89 4.48 1.88
C TYR A 132 -24.42 5.16 3.14
N PRO A 133 -25.74 5.32 3.23
CA PRO A 133 -26.32 5.93 4.41
C PRO A 133 -26.30 4.95 5.59
N LEU A 134 -26.11 5.46 6.79
CA LEU A 134 -26.15 4.64 8.00
C LEU A 134 -27.29 5.15 8.86
N ALA A 135 -28.38 4.39 8.88
CA ALA A 135 -29.56 4.73 9.65
C ALA A 135 -29.74 3.70 10.74
N PRO A 136 -30.26 4.14 11.90
CA PRO A 136 -30.75 3.18 12.90
C PRO A 136 -32.06 2.57 12.45
N ASN A 143 -34.40 7.08 23.54
CA ASN A 143 -33.13 7.78 23.77
C ASN A 143 -33.22 9.28 23.45
N SER A 144 -32.47 10.08 24.19
CA SER A 144 -32.49 11.53 24.03
C SER A 144 -31.91 12.01 22.69
N MET A 145 -30.92 11.28 22.18
CA MET A 145 -30.22 11.68 20.97
C MET A 145 -30.20 10.54 19.98
N VAL A 146 -29.95 10.85 18.72
CA VAL A 146 -29.82 9.82 17.70
C VAL A 146 -28.60 10.08 16.83
N THR A 147 -27.83 9.03 16.58
CA THR A 147 -26.63 9.11 15.76
C THR A 147 -26.90 8.51 14.40
N LEU A 148 -26.53 9.27 13.36
CA LEU A 148 -26.63 8.85 11.98
C LEU A 148 -25.22 8.87 11.40
N GLY A 149 -25.06 8.32 10.22
CA GLY A 149 -23.75 8.29 9.58
C GLY A 149 -23.78 8.07 8.09
N CYS A 150 -22.61 8.23 7.48
CA CYS A 150 -22.39 7.93 6.07
C CYS A 150 -21.10 7.14 5.97
N LEU A 151 -21.13 6.07 5.20
CA LEU A 151 -19.96 5.27 4.90
C LEU A 151 -19.50 5.61 3.49
N VAL A 152 -18.23 5.99 3.39
CA VAL A 152 -17.66 6.44 2.13
C VAL A 152 -16.59 5.42 1.71
N LYS A 153 -16.93 4.55 0.77
CA LYS A 153 -16.15 3.35 0.53
C LYS A 153 -15.56 3.27 -0.87
N GLY A 154 -14.30 2.82 -0.93
CA GLY A 154 -13.68 2.39 -2.16
C GLY A 154 -13.24 3.49 -3.10
N TYR A 155 -12.60 4.53 -2.56
CA TYR A 155 -12.16 5.64 -3.40
C TYR A 155 -10.63 5.78 -3.46
N PHE A 156 -10.15 6.46 -4.50
CA PHE A 156 -8.74 6.78 -4.67
C PHE A 156 -8.63 7.93 -5.65
N PRO A 157 -7.69 8.86 -5.41
CA PRO A 157 -6.85 9.03 -4.24
C PRO A 157 -7.58 9.86 -3.16
N GLU A 158 -6.86 10.21 -2.11
CA GLU A 158 -7.36 11.16 -1.12
C GLU A 158 -7.41 12.56 -1.74
N PRO A 159 -8.21 13.46 -1.15
CA PRO A 159 -9.07 13.23 -0.01
C PRO A 159 -10.54 13.13 -0.42
N VAL A 160 -11.39 12.91 0.58
CA VAL A 160 -12.81 13.25 0.45
C VAL A 160 -13.17 14.24 1.59
N THR A 161 -14.12 15.11 1.32
CA THR A 161 -14.61 15.99 2.38
C THR A 161 -16.08 15.67 2.58
N VAL A 162 -16.49 15.64 3.85
CA VAL A 162 -17.85 15.31 4.20
C VAL A 162 -18.43 16.48 4.97
N THR A 163 -19.61 16.94 4.55
CA THR A 163 -20.40 17.87 5.34
C THR A 163 -21.78 17.28 5.52
N TRP A 164 -22.57 17.91 6.39
CA TRP A 164 -23.94 17.48 6.61
C TRP A 164 -24.88 18.66 6.38
N ASN A 165 -25.96 18.41 5.64
CA ASN A 165 -26.88 19.48 5.24
C ASN A 165 -26.13 20.68 4.67
N SER A 166 -25.20 20.39 3.77
CA SER A 166 -24.38 21.41 3.10
C SER A 166 -23.61 22.33 4.05
N GLY A 167 -23.20 21.81 5.20
CA GLY A 167 -22.44 22.59 6.16
C GLY A 167 -23.26 23.25 7.26
N SER A 168 -24.58 23.26 7.11
CA SER A 168 -25.42 23.89 8.11
C SER A 168 -25.57 23.04 9.38
N LEU A 169 -25.28 21.75 9.29
CA LEU A 169 -25.26 20.87 10.45
C LEU A 169 -23.80 20.56 10.78
N SER A 170 -23.23 21.29 11.73
CA SER A 170 -21.81 21.13 12.07
C SER A 170 -21.56 20.59 13.49
N SER A 171 -22.51 20.81 14.40
CA SER A 171 -22.40 20.29 15.75
C SER A 171 -22.69 18.80 15.77
N GLY A 172 -21.95 18.09 16.61
CA GLY A 172 -22.14 16.65 16.82
C GLY A 172 -21.58 15.81 15.68
N VAL A 173 -20.73 16.40 14.85
CA VAL A 173 -20.18 15.71 13.68
C VAL A 173 -18.81 15.15 14.01
N HIS A 174 -18.56 13.90 13.63
CA HIS A 174 -17.22 13.30 13.66
C HIS A 174 -16.96 12.70 12.29
N THR A 175 -15.92 13.18 11.62
CA THR A 175 -15.49 12.60 10.36
C THR A 175 -14.14 11.95 10.61
N PHE A 176 -14.03 10.65 10.29
CA PHE A 176 -12.90 9.84 10.72
C PHE A 176 -11.86 9.75 9.60
N PRO A 177 -10.56 9.66 9.97
CA PRO A 177 -9.54 9.46 8.94
C PRO A 177 -9.77 8.19 8.10
N ALA A 178 -9.49 8.27 6.81
CA ALA A 178 -9.67 7.13 5.91
C ALA A 178 -8.68 6.03 6.24
N VAL A 179 -9.06 4.80 5.94
CA VAL A 179 -8.13 3.68 6.02
C VAL A 179 -7.99 3.08 4.63
N LEU A 180 -6.79 2.64 4.34
CA LEU A 180 -6.43 2.10 3.05
C LEU A 180 -6.49 0.59 3.13
N GLN A 181 -7.25 -0.02 2.23
CA GLN A 181 -7.35 -1.46 2.16
C GLN A 181 -7.54 -1.89 0.70
N SER A 182 -6.64 -2.77 0.23
CA SER A 182 -6.69 -3.26 -1.15
C SER A 182 -6.63 -2.11 -2.16
N ASP A 183 -5.73 -1.17 -1.89
CA ASP A 183 -5.46 -0.04 -2.80
C ASP A 183 -6.58 0.99 -2.89
N LEU A 184 -7.55 0.94 -1.97
CA LEU A 184 -8.65 1.90 -1.95
C LEU A 184 -8.90 2.39 -0.55
N TYR A 185 -9.40 3.61 -0.45
CA TYR A 185 -9.70 4.22 0.86
C TYR A 185 -11.17 4.08 1.25
N THR A 186 -11.39 4.02 2.56
CA THR A 186 -12.73 4.03 3.14
C THR A 186 -12.73 4.91 4.37
N LEU A 187 -13.74 5.76 4.49
CA LEU A 187 -13.96 6.48 5.72
C LEU A 187 -15.43 6.57 6.06
N SER A 188 -15.69 7.05 7.26
CA SER A 188 -17.05 7.23 7.73
C SER A 188 -17.18 8.58 8.41
N SER A 189 -18.42 9.02 8.54
CA SER A 189 -18.74 10.22 9.28
C SER A 189 -20.02 9.97 10.07
N SER A 190 -20.05 10.47 11.30
CA SER A 190 -21.23 10.38 12.13
C SER A 190 -21.71 11.76 12.47
N VAL A 191 -23.01 11.85 12.71
CA VAL A 191 -23.63 13.07 13.19
C VAL A 191 -24.67 12.66 14.21
N THR A 192 -24.72 13.41 15.30
CA THR A 192 -25.63 13.12 16.40
C THR A 192 -26.55 14.32 16.54
N VAL A 193 -27.86 14.09 16.49
CA VAL A 193 -28.87 15.16 16.59
C VAL A 193 -29.95 14.81 17.62
N PRO A 194 -30.82 15.78 17.98
CA PRO A 194 -31.88 15.44 18.91
C PRO A 194 -32.87 14.46 18.30
N SER A 195 -33.26 13.48 19.10
CA SER A 195 -34.13 12.39 18.65
C SER A 195 -35.48 12.88 18.16
N SER A 196 -35.96 13.99 18.69
CA SER A 196 -37.20 14.59 18.21
CA SER A 196 -37.21 14.61 18.22
C SER A 196 -37.09 15.15 16.79
N THR A 197 -35.87 15.41 16.33
CA THR A 197 -35.66 16.23 15.14
C THR A 197 -35.63 15.45 13.86
N TRP A 198 -35.07 14.25 13.96
CA TRP A 198 -34.99 13.33 12.86
C TRP A 198 -36.02 12.26 13.18
N PRO A 199 -36.71 11.73 12.16
CA PRO A 199 -36.50 12.07 10.76
C PRO A 199 -37.31 13.28 10.28
N SER A 200 -37.88 14.03 11.21
CA SER A 200 -38.74 15.16 10.86
C SER A 200 -38.00 16.22 10.06
N GLU A 201 -36.78 16.53 10.50
CA GLU A 201 -35.94 17.53 9.87
C GLU A 201 -34.80 16.76 9.21
N THR A 202 -34.76 16.82 7.88
CA THR A 202 -34.00 15.88 7.07
C THR A 202 -32.52 16.04 7.37
N VAL A 203 -31.76 14.96 7.22
CA VAL A 203 -30.34 14.97 7.39
C VAL A 203 -29.72 14.29 6.18
N THR A 204 -28.77 14.97 5.55
CA THR A 204 -28.11 14.52 4.35
C THR A 204 -26.62 14.67 4.50
N CYS A 205 -25.86 13.66 4.09
CA CYS A 205 -24.41 13.85 4.07
C CYS A 205 -23.97 14.15 2.64
N ASN A 206 -23.06 15.10 2.53
CA ASN A 206 -22.56 15.58 1.25
C ASN A 206 -21.09 15.18 1.19
N VAL A 207 -20.73 14.38 0.20
CA VAL A 207 -19.38 13.85 0.06
C VAL A 207 -18.76 14.38 -1.21
N ALA A 208 -17.62 15.05 -1.09
CA ALA A 208 -16.90 15.51 -2.27
C ALA A 208 -15.62 14.71 -2.42
N HIS A 209 -15.36 14.27 -3.64
CA HIS A 209 -14.12 13.58 -3.97
C HIS A 209 -13.46 14.39 -5.08
N PRO A 210 -12.57 15.33 -4.71
CA PRO A 210 -12.13 16.28 -5.72
C PRO A 210 -11.35 15.66 -6.89
N ALA A 211 -10.65 14.57 -6.66
CA ALA A 211 -9.91 13.94 -7.76
C ALA A 211 -10.78 13.45 -8.91
N SER A 212 -12.01 13.01 -8.62
CA SER A 212 -12.93 12.60 -9.67
C SER A 212 -13.95 13.67 -10.02
N SER A 213 -13.78 14.86 -9.43
CA SER A 213 -14.72 15.96 -9.56
C SER A 213 -16.16 15.55 -9.27
N THR A 214 -16.35 14.67 -8.27
CA THR A 214 -17.67 14.15 -7.97
CA THR A 214 -17.66 14.11 -7.96
C THR A 214 -18.15 14.58 -6.59
N LYS A 215 -19.44 14.83 -6.51
CA LYS A 215 -20.09 15.14 -5.26
C LYS A 215 -21.31 14.23 -5.17
N VAL A 216 -21.50 13.63 -4.00
CA VAL A 216 -22.65 12.77 -3.74
C VAL A 216 -23.42 13.27 -2.53
N ASP A 217 -24.74 13.34 -2.64
CA ASP A 217 -25.58 13.75 -1.52
C ASP A 217 -26.49 12.60 -1.16
N LYS A 218 -26.36 12.08 0.06
CA LYS A 218 -27.18 10.93 0.44
C LYS A 218 -28.03 11.28 1.63
N LYS A 219 -29.34 11.28 1.44
CA LYS A 219 -30.26 11.51 2.53
C LYS A 219 -30.29 10.28 3.43
N ILE A 220 -30.35 10.49 4.73
CA ILE A 220 -30.45 9.40 5.67
C ILE A 220 -31.91 9.15 6.01
N VAL A 221 -32.41 7.97 5.68
CA VAL A 221 -33.83 7.62 5.80
C VAL A 221 -34.00 6.49 6.83
N PRO A 222 -35.05 6.55 7.66
CA PRO A 222 -35.24 5.50 8.69
C PRO A 222 -35.23 4.08 8.16
N ASP B 1 20.76 28.37 6.28
CA ASP B 1 19.36 28.66 6.57
C ASP B 1 19.17 28.89 8.05
N VAL B 2 18.14 29.61 8.40
CA VAL B 2 17.76 29.81 9.78
C VAL B 2 16.95 28.59 10.26
N LEU B 3 17.50 27.86 11.23
CA LEU B 3 16.75 26.77 11.85
C LEU B 3 15.86 27.37 12.94
N MET B 4 14.58 26.99 12.94
CA MET B 4 13.62 27.41 13.97
C MET B 4 13.33 26.17 14.84
N THR B 5 13.82 26.18 16.07
CA THR B 5 13.66 25.04 16.98
C THR B 5 12.55 25.29 17.98
N GLN B 6 11.50 24.50 17.90
CA GLN B 6 10.34 24.66 18.74
C GLN B 6 10.32 23.64 19.87
N ILE B 7 10.00 24.11 21.06
CA ILE B 7 9.96 23.28 22.25
C ILE B 7 8.67 23.63 22.99
N PRO B 8 7.87 22.61 23.36
CA PRO B 8 7.99 21.19 23.10
C PRO B 8 7.39 20.81 21.74
N LEU B 9 7.39 19.51 21.42
CA LEU B 9 6.73 19.00 20.22
C LEU B 9 5.25 18.73 20.49
N SER B 10 4.94 18.30 21.70
CA SER B 10 3.55 18.18 22.14
C SER B 10 3.43 18.56 23.60
N LEU B 11 2.31 19.18 23.92
CA LEU B 11 2.10 19.81 25.22
C LEU B 11 0.66 19.59 25.70
N PRO B 12 0.44 18.72 26.69
CA PRO B 12 -0.89 18.61 27.28
C PRO B 12 -1.11 19.68 28.33
N VAL B 13 -2.29 20.27 28.34
CA VAL B 13 -2.61 21.35 29.27
CA VAL B 13 -2.61 21.34 29.28
C VAL B 13 -4.06 21.20 29.75
N SER B 14 -4.30 21.47 31.03
CA SER B 14 -5.65 21.51 31.58
C SER B 14 -6.36 22.79 31.15
N LEU B 15 -7.67 22.70 30.94
CA LEU B 15 -8.48 23.89 30.62
C LEU B 15 -8.27 24.91 31.70
N GLY B 16 -8.04 26.15 31.30
CA GLY B 16 -7.92 27.24 32.26
C GLY B 16 -6.50 27.53 32.64
N ASP B 17 -5.57 26.62 32.34
CA ASP B 17 -4.18 26.87 32.68
C ASP B 17 -3.50 27.65 31.57
N GLN B 18 -2.31 28.18 31.86
CA GLN B 18 -1.50 28.83 30.85
C GLN B 18 -0.62 27.81 30.14
N ALA B 19 -0.50 27.91 28.82
CA ALA B 19 0.47 27.14 28.08
C ALA B 19 1.56 28.08 27.56
N SER B 20 2.78 27.60 27.47
CA SER B 20 3.88 28.38 26.95
C SER B 20 4.67 27.55 25.93
N ILE B 21 4.98 28.17 24.80
CA ILE B 21 5.66 27.49 23.69
C ILE B 21 6.83 28.36 23.26
N SER B 22 7.98 27.73 23.08
CA SER B 22 9.23 28.41 22.80
CA SER B 22 9.22 28.42 22.79
C SER B 22 9.68 28.15 21.36
N CYS B 23 10.33 29.14 20.78
CA CYS B 23 10.85 29.03 19.43
C CYS B 23 12.19 29.73 19.42
N ARG B 24 13.25 29.00 19.10
CA ARG B 24 14.60 29.54 19.06
C ARG B 24 15.17 29.50 17.64
N SER B 25 15.64 30.64 17.17
CA SER B 25 16.21 30.75 15.83
C SER B 25 17.71 30.50 15.95
N SER B 26 18.30 29.86 14.94
CA SER B 26 19.73 29.55 14.98
C SER B 26 20.58 30.79 14.74
N GLN B 27 19.96 31.87 14.28
CA GLN B 27 20.64 33.15 14.13
C GLN B 27 19.60 34.29 14.22
N ASN B 28 20.08 35.53 14.21
CA ASN B 28 19.18 36.66 14.34
C ASN B 28 18.24 36.72 13.15
N ILE B 29 17.01 37.17 13.40
CA ILE B 29 15.99 37.25 12.33
C ILE B 29 15.44 38.67 12.21
N VAL B 30 16.34 39.65 12.30
CA VAL B 30 15.98 41.03 12.00
C VAL B 30 16.18 41.25 10.51
N HIS B 31 15.09 41.55 9.80
CA HIS B 31 15.15 41.81 8.37
C HIS B 31 15.91 43.11 8.09
N SER B 32 16.49 43.21 6.89
CA SER B 32 17.23 44.38 6.49
C SER B 32 16.40 45.67 6.50
N ASN B 33 15.08 45.59 6.46
CA ASN B 33 14.23 46.79 6.61
C ASN B 33 13.94 47.15 8.05
N GLY B 34 14.56 46.45 9.01
CA GLY B 34 14.41 46.75 10.44
C GLY B 34 13.36 45.95 11.18
N ASN B 35 12.45 45.28 10.49
CA ASN B 35 11.43 44.49 11.19
C ASN B 35 11.88 43.09 11.52
N THR B 36 11.43 42.57 12.66
CA THR B 36 11.58 41.14 12.99
C THR B 36 10.33 40.36 12.61
N TYR B 37 10.39 39.66 11.48
CA TYR B 37 9.24 38.95 10.97
C TYR B 37 9.15 37.58 11.63
N LEU B 38 8.66 37.57 12.87
CA LEU B 38 8.39 36.37 13.61
C LEU B 38 6.89 36.28 13.82
N GLU B 39 6.31 35.22 13.25
CA GLU B 39 4.88 34.95 13.36
C GLU B 39 4.61 33.63 14.06
N TRP B 40 3.42 33.55 14.65
CA TRP B 40 2.88 32.32 15.18
C TRP B 40 1.59 32.02 14.42
N TYR B 41 1.51 30.78 13.95
CA TYR B 41 0.37 30.24 13.23
C TYR B 41 -0.22 29.09 14.01
N LEU B 42 -1.53 28.91 13.89
CA LEU B 42 -2.24 27.77 14.46
C LEU B 42 -2.92 27.01 13.34
N GLN B 43 -2.67 25.72 13.27
CA GLN B 43 -3.35 24.89 12.29
C GLN B 43 -4.18 23.87 13.04
N LYS B 44 -5.50 23.98 12.87
CA LYS B 44 -6.43 23.04 13.49
C LYS B 44 -6.62 21.89 12.52
N PRO B 45 -7.05 20.72 13.05
CA PRO B 45 -7.21 19.53 12.23
C PRO B 45 -8.08 19.76 10.99
N GLY B 46 -7.60 19.32 9.84
CA GLY B 46 -8.31 19.50 8.58
C GLY B 46 -8.24 20.88 7.95
N GLN B 47 -7.61 21.85 8.61
CA GLN B 47 -7.66 23.22 8.13
C GLN B 47 -6.30 23.76 7.72
N SER B 48 -6.31 24.90 7.03
CA SER B 48 -5.07 25.61 6.73
CA SER B 48 -5.08 25.61 6.72
C SER B 48 -4.59 26.34 7.98
N PRO B 49 -3.30 26.67 8.03
CA PRO B 49 -2.84 27.46 9.16
C PRO B 49 -3.52 28.83 9.18
N LYS B 50 -3.60 29.43 10.36
CA LYS B 50 -4.15 30.78 10.47
C LYS B 50 -3.27 31.63 11.38
N LEU B 51 -3.12 32.90 11.00
CA LEU B 51 -2.22 33.80 11.67
C LEU B 51 -2.74 34.21 13.04
N LEU B 52 -1.89 34.12 14.06
CA LEU B 52 -2.23 34.57 15.41
C LEU B 52 -1.46 35.83 15.82
N ILE B 53 -0.14 35.79 15.62
CA ILE B 53 0.75 36.82 16.09
C ILE B 53 1.76 37.15 15.01
N TYR B 54 2.05 38.43 14.83
CA TYR B 54 3.04 38.85 13.85
C TYR B 54 3.98 39.87 14.46
N LYS B 55 5.13 40.05 13.82
CA LYS B 55 6.18 40.92 14.32
C LYS B 55 6.40 40.71 15.82
N VAL B 56 6.56 39.44 16.19
CA VAL B 56 6.91 38.97 17.52
C VAL B 56 5.76 39.03 18.54
N SER B 57 5.11 40.18 18.65
CA SER B 57 4.20 40.42 19.74
C SER B 57 2.89 41.08 19.35
N ASN B 58 2.61 41.23 18.05
CA ASN B 58 1.37 41.92 17.64
C ASN B 58 0.28 40.93 17.38
N ARG B 59 -0.86 41.10 18.03
CA ARG B 59 -1.98 40.20 17.78
C ARG B 59 -2.65 40.55 16.46
N PHE B 60 -2.89 39.55 15.64
CA PHE B 60 -3.63 39.74 14.41
C PHE B 60 -5.11 39.99 14.70
N SER B 61 -5.75 40.74 13.80
CA SER B 61 -7.17 41.03 13.88
C SER B 61 -8.00 39.82 14.22
N GLY B 62 -8.81 39.93 15.27
CA GLY B 62 -9.75 38.89 15.66
C GLY B 62 -9.19 37.88 16.65
N VAL B 63 -7.90 37.91 16.91
CA VAL B 63 -7.29 36.93 17.83
C VAL B 63 -7.49 37.35 19.28
N PRO B 64 -7.95 36.43 20.15
CA PRO B 64 -8.23 36.81 21.53
C PRO B 64 -7.02 37.31 22.32
N ASP B 65 -7.31 38.16 23.28
CA ASP B 65 -6.37 38.73 24.23
C ASP B 65 -5.50 37.69 24.95
N ARG B 66 -5.98 36.47 25.09
CA ARG B 66 -5.21 35.48 25.85
C ARG B 66 -3.98 34.93 25.15
N PHE B 67 -3.83 35.22 23.85
CA PHE B 67 -2.63 34.86 23.10
C PHE B 67 -1.67 36.03 23.18
N SER B 68 -0.46 35.80 23.65
CA SER B 68 0.55 36.83 23.61
C SER B 68 1.90 36.28 23.16
N GLY B 69 2.62 37.10 22.40
CA GLY B 69 3.92 36.74 21.90
C GLY B 69 4.94 37.70 22.47
N SER B 70 6.13 37.18 22.72
CA SER B 70 7.21 37.99 23.20
C SER B 70 8.55 37.43 22.70
N GLY B 71 9.61 38.18 22.98
CA GLY B 71 10.96 37.67 22.82
C GLY B 71 11.81 38.65 22.05
N SER B 72 13.07 38.26 21.84
CA SER B 72 14.01 39.07 21.09
C SER B 72 15.25 38.24 20.78
N GLY B 73 16.08 38.75 19.89
CA GLY B 73 17.33 38.07 19.56
C GLY B 73 16.95 36.76 18.92
N THR B 74 17.26 35.65 19.59
CA THR B 74 16.95 34.36 19.03
C THR B 74 15.97 33.55 19.87
N ASP B 75 15.33 34.14 20.88
CA ASP B 75 14.37 33.38 21.67
C ASP B 75 12.99 34.05 21.72
N PHE B 76 11.98 33.33 21.22
CA PHE B 76 10.62 33.84 21.13
C PHE B 76 9.67 32.91 21.84
N THR B 77 8.59 33.46 22.39
CA THR B 77 7.68 32.69 23.20
C THR B 77 6.24 33.08 22.91
N LEU B 78 5.41 32.06 22.76
CA LEU B 78 3.96 32.23 22.70
C LEU B 78 3.38 31.74 24.02
N LYS B 79 2.58 32.59 24.65
CA LYS B 79 1.83 32.23 25.84
C LYS B 79 0.34 32.26 25.57
N ILE B 80 -0.34 31.20 25.97
CA ILE B 80 -1.79 31.13 25.86
C ILE B 80 -2.34 31.07 27.28
N SER B 81 -2.94 32.16 27.73
CA SER B 81 -3.54 32.18 29.05
C SER B 81 -4.90 31.52 28.98
N ARG B 82 -5.33 30.93 30.09
CA ARG B 82 -6.67 30.41 30.22
C ARG B 82 -7.05 29.59 29.00
N VAL B 83 -6.30 28.52 28.75
CA VAL B 83 -6.53 27.65 27.61
C VAL B 83 -7.96 27.13 27.53
N GLU B 84 -8.50 27.19 26.30
CA GLU B 84 -9.85 26.74 25.98
C GLU B 84 -9.78 25.57 25.02
N ALA B 85 -10.84 24.78 25.00
CA ALA B 85 -10.92 23.63 24.10
C ALA B 85 -10.65 23.99 22.63
N GLU B 86 -11.11 25.18 22.23
CA GLU B 86 -10.95 25.65 20.84
C GLU B 86 -9.49 25.97 20.46
N ASP B 87 -8.60 26.01 21.45
CA ASP B 87 -7.20 26.32 21.21
C ASP B 87 -6.38 25.13 20.70
N LEU B 88 -6.99 23.97 20.65
CA LEU B 88 -6.37 22.75 20.18
C LEU B 88 -5.83 22.83 18.75
N GLY B 89 -4.65 22.26 18.52
CA GLY B 89 -4.11 22.15 17.17
C GLY B 89 -2.61 22.24 17.25
N VAL B 90 -1.99 22.51 16.11
CA VAL B 90 -0.53 22.57 16.05
C VAL B 90 -0.11 24.01 15.82
N TYR B 91 0.74 24.50 16.71
CA TYR B 91 1.24 25.88 16.67
C TYR B 91 2.60 25.87 16.01
N TYR B 92 2.80 26.79 15.06
CA TYR B 92 4.07 26.91 14.37
C TYR B 92 4.60 28.33 14.50
N CYS B 93 5.86 28.46 14.86
CA CYS B 93 6.51 29.73 14.66
C CYS B 93 7.06 29.77 13.22
N PHE B 94 7.34 30.98 12.73
CA PHE B 94 7.80 31.21 11.38
C PHE B 94 8.67 32.46 11.37
N GLN B 95 9.80 32.40 10.66
CA GLN B 95 10.60 33.59 10.39
C GLN B 95 10.51 33.93 8.91
N GLY B 96 10.15 35.19 8.66
CA GLY B 96 10.00 35.76 7.33
C GLY B 96 11.07 36.83 7.05
N SER B 97 12.23 36.70 7.69
CA SER B 97 13.28 37.73 7.63
C SER B 97 14.46 37.39 6.70
N HIS B 98 14.81 36.12 6.59
CA HIS B 98 15.93 35.69 5.76
C HIS B 98 15.52 34.50 4.93
N VAL B 99 15.64 34.63 3.61
CA VAL B 99 15.38 33.52 2.71
CA VAL B 99 15.39 33.53 2.69
C VAL B 99 16.43 32.42 2.88
N PRO B 100 16.00 31.15 2.85
CA PRO B 100 14.65 30.65 2.69
C PRO B 100 13.86 30.82 3.99
N PHE B 101 12.63 31.31 3.89
CA PHE B 101 11.81 31.47 5.08
C PHE B 101 11.57 30.08 5.69
N THR B 102 11.45 30.01 7.02
CA THR B 102 11.42 28.72 7.69
C THR B 102 10.42 28.69 8.84
N PHE B 103 9.79 27.52 8.98
CA PHE B 103 8.85 27.24 10.06
C PHE B 103 9.51 26.42 11.15
N GLY B 104 9.10 26.59 12.42
CA GLY B 104 9.44 25.64 13.48
C GLY B 104 8.78 24.30 13.19
N SER B 105 9.16 23.27 13.94
CA SER B 105 8.65 21.93 13.72
C SER B 105 7.22 21.74 14.24
N GLY B 106 6.69 22.71 14.98
CA GLY B 106 5.31 22.62 15.41
C GLY B 106 5.21 22.08 16.82
N THR B 107 4.21 22.58 17.55
CA THR B 107 3.91 22.13 18.87
C THR B 107 2.43 21.76 18.87
N LYS B 108 2.13 20.49 19.13
CA LYS B 108 0.76 20.06 19.21
C LYS B 108 0.24 20.29 20.63
N LEU B 109 -0.74 21.19 20.74
CA LEU B 109 -1.41 21.47 22.01
C LEU B 109 -2.54 20.48 22.21
N GLU B 110 -2.50 19.77 23.33
CA GLU B 110 -3.46 18.72 23.68
C GLU B 110 -4.14 19.14 24.99
N ILE B 111 -5.42 18.78 25.13
CA ILE B 111 -6.20 19.20 26.28
C ILE B 111 -6.42 18.02 27.23
N LYS B 112 -6.17 18.27 28.51
CA LYS B 112 -6.53 17.33 29.56
C LYS B 112 -7.95 17.62 30.02
N ARG B 113 -8.72 16.61 30.33
CA ARG B 113 -10.09 16.81 30.81
C ARG B 113 -10.57 15.60 31.59
N ALA B 114 -11.79 15.67 32.12
CA ALA B 114 -12.37 14.58 32.89
C ALA B 114 -12.63 13.36 32.01
N ASP B 115 -12.58 12.19 32.62
CA ASP B 115 -12.91 10.95 31.93
C ASP B 115 -14.35 10.97 31.43
N ALA B 116 -14.56 10.37 30.26
CA ALA B 116 -15.89 10.24 29.67
C ALA B 116 -16.02 8.86 29.00
N ALA B 117 -17.17 8.22 29.24
CA ALA B 117 -17.48 6.93 28.64
C ALA B 117 -17.93 7.14 27.19
N PRO B 118 -17.61 6.18 26.30
CA PRO B 118 -17.98 6.32 24.90
C PRO B 118 -19.47 6.13 24.70
N THR B 119 -20.05 6.84 23.74
CA THR B 119 -21.39 6.55 23.26
C THR B 119 -21.23 5.64 22.05
N VAL B 120 -21.80 4.43 22.14
CA VAL B 120 -21.62 3.40 21.13
C VAL B 120 -22.88 3.20 20.28
N SER B 121 -22.69 3.13 18.97
CA SER B 121 -23.80 2.93 18.02
C SER B 121 -23.36 1.96 16.92
N ILE B 122 -24.20 0.98 16.62
CA ILE B 122 -23.90 -0.03 15.63
C ILE B 122 -24.89 0.11 14.48
N PHE B 123 -24.43 -0.09 13.24
CA PHE B 123 -25.26 0.06 12.06
C PHE B 123 -25.08 -1.11 11.11
N PRO B 124 -26.20 -1.72 10.66
CA PRO B 124 -26.11 -2.80 9.71
C PRO B 124 -25.77 -2.27 8.32
N PRO B 125 -25.36 -3.17 7.42
CA PRO B 125 -25.14 -2.77 6.04
C PRO B 125 -26.39 -2.09 5.48
N SER B 126 -26.21 -1.05 4.69
CA SER B 126 -27.32 -0.43 3.97
C SER B 126 -27.84 -1.35 2.89
N SER B 127 -29.12 -1.21 2.56
CA SER B 127 -29.70 -1.99 1.46
C SER B 127 -28.97 -1.66 0.16
N GLU B 128 -28.56 -0.42 -0.02
CA GLU B 128 -27.80 -0.03 -1.22
C GLU B 128 -26.50 -0.82 -1.36
N GLN B 129 -25.75 -0.97 -0.28
CA GLN B 129 -24.50 -1.72 -0.34
C GLN B 129 -24.75 -3.19 -0.67
N LEU B 130 -25.77 -3.76 -0.04
CA LEU B 130 -26.11 -5.15 -0.27
C LEU B 130 -26.45 -5.42 -1.73
N THR B 131 -27.13 -4.48 -2.37
CA THR B 131 -27.40 -4.58 -3.80
C THR B 131 -26.10 -4.62 -4.60
N SER B 132 -25.06 -3.96 -4.14
CA SER B 132 -23.77 -3.99 -4.82
C SER B 132 -22.92 -5.24 -4.50
N GLY B 133 -23.39 -6.09 -3.58
CA GLY B 133 -22.70 -7.34 -3.27
C GLY B 133 -21.69 -7.30 -2.12
N GLY B 134 -21.62 -6.18 -1.41
CA GLY B 134 -20.80 -6.06 -0.20
C GLY B 134 -21.64 -5.86 1.05
N ALA B 135 -21.01 -6.02 2.22
CA ALA B 135 -21.67 -5.85 3.51
C ALA B 135 -20.67 -5.31 4.54
N SER B 136 -20.85 -4.04 4.92
CA SER B 136 -20.02 -3.44 5.96
C SER B 136 -20.88 -3.15 7.18
N VAL B 137 -20.39 -3.56 8.35
CA VAL B 137 -21.06 -3.25 9.59
C VAL B 137 -20.22 -2.20 10.31
N VAL B 138 -20.87 -1.10 10.70
CA VAL B 138 -20.16 0.05 11.25
C VAL B 138 -20.54 0.27 12.70
N CYS B 139 -19.52 0.53 13.52
CA CYS B 139 -19.67 0.83 14.91
C CYS B 139 -18.93 2.12 15.24
N PHE B 140 -19.66 3.11 15.77
CA PHE B 140 -19.06 4.37 16.23
C PHE B 140 -18.94 4.33 17.76
N LEU B 141 -17.74 4.65 18.25
CA LEU B 141 -17.50 4.82 19.68
C LEU B 141 -17.14 6.29 19.86
N ASN B 142 -18.10 7.10 20.33
CA ASN B 142 -17.96 8.55 20.27
C ASN B 142 -17.83 9.29 21.59
N ASN B 143 -17.02 10.35 21.56
CA ASN B 143 -16.86 11.29 22.67
C ASN B 143 -16.43 10.66 23.97
N PHE B 144 -15.28 9.99 23.95
CA PHE B 144 -14.71 9.39 25.13
C PHE B 144 -13.37 10.02 25.49
N TYR B 145 -12.96 9.82 26.73
CA TYR B 145 -11.66 10.28 27.22
C TYR B 145 -11.23 9.41 28.39
N PRO B 146 -9.95 9.00 28.44
CA PRO B 146 -8.85 9.30 27.53
C PRO B 146 -8.89 8.47 26.24
N LYS B 147 -7.91 8.67 25.38
CA LYS B 147 -7.96 8.17 24.01
C LYS B 147 -7.90 6.66 23.83
N ASP B 148 -7.35 5.95 24.81
CA ASP B 148 -7.19 4.49 24.67
C ASP B 148 -8.51 3.78 24.85
N ILE B 149 -8.81 2.87 23.93
CA ILE B 149 -10.05 2.12 23.96
C ILE B 149 -9.87 0.81 23.20
N ASN B 150 -10.67 -0.19 23.53
CA ASN B 150 -10.64 -1.46 22.81
C ASN B 150 -11.99 -1.78 22.24
N VAL B 151 -12.03 -2.29 21.01
CA VAL B 151 -13.27 -2.72 20.39
C VAL B 151 -13.13 -4.18 19.93
N LYS B 152 -14.18 -4.96 20.16
CA LYS B 152 -14.22 -6.33 19.65
C LYS B 152 -15.51 -6.58 18.93
N TRP B 153 -15.44 -7.38 17.86
CA TRP B 153 -16.61 -7.78 17.12
C TRP B 153 -16.91 -9.25 17.35
N LYS B 154 -18.19 -9.58 17.47
CA LYS B 154 -18.63 -10.96 17.56
C LYS B 154 -19.78 -11.22 16.61
N ILE B 155 -19.74 -12.37 15.95
CA ILE B 155 -20.80 -12.83 15.05
C ILE B 155 -21.35 -14.12 15.62
N ASP B 156 -22.63 -14.12 16.00
CA ASP B 156 -23.25 -15.25 16.71
C ASP B 156 -22.41 -15.71 17.90
N GLY B 157 -22.01 -14.76 18.72
CA GLY B 157 -21.26 -15.03 19.95
C GLY B 157 -19.78 -15.29 19.77
N SER B 158 -19.29 -15.34 18.53
CA SER B 158 -17.91 -15.72 18.27
C SER B 158 -17.08 -14.53 17.78
N GLU B 159 -15.93 -14.33 18.41
CA GLU B 159 -15.08 -13.18 18.10
C GLU B 159 -14.59 -13.26 16.66
N ARG B 160 -14.39 -12.10 16.05
CA ARG B 160 -13.85 -12.03 14.71
C ARG B 160 -12.82 -10.93 14.56
N GLN B 161 -11.56 -11.29 14.62
CA GLN B 161 -10.51 -10.29 14.45
C GLN B 161 -10.42 -9.91 12.99
N ASN B 162 -10.72 -10.85 12.10
CA ASN B 162 -10.47 -10.65 10.67
C ASN B 162 -11.49 -9.68 10.04
N GLY B 163 -11.02 -8.82 9.15
CA GLY B 163 -11.89 -7.95 8.35
C GLY B 163 -12.30 -6.64 9.02
N VAL B 164 -11.65 -6.30 10.12
CA VAL B 164 -12.00 -5.12 10.89
C VAL B 164 -11.01 -4.01 10.62
N LEU B 165 -11.52 -2.81 10.32
CA LEU B 165 -10.67 -1.64 10.12
C LEU B 165 -11.12 -0.52 11.05
N ASN B 166 -10.13 0.11 11.67
CA ASN B 166 -10.36 1.07 12.74
C ASN B 166 -9.76 2.44 12.43
N SER B 167 -10.41 3.49 12.92
CA SER B 167 -9.95 4.86 12.68
C SER B 167 -10.29 5.76 13.87
N TRP B 168 -9.34 6.61 14.27
CA TRP B 168 -9.48 7.50 15.42
C TRP B 168 -9.48 8.96 14.97
N THR B 169 -10.38 9.77 15.53
CA THR B 169 -10.34 11.20 15.27
C THR B 169 -9.25 11.89 16.07
N ASP B 170 -8.91 13.08 15.62
CA ASP B 170 -8.18 14.03 16.45
C ASP B 170 -9.10 14.46 17.60
N GLN B 171 -8.51 15.01 18.65
CA GLN B 171 -9.25 15.52 19.78
C GLN B 171 -10.31 16.56 19.33
N ASP B 172 -11.48 16.51 19.93
CA ASP B 172 -12.58 17.37 19.52
C ASP B 172 -12.38 18.79 20.01
N SER B 173 -12.63 19.77 19.13
CA SER B 173 -12.40 21.19 19.46
C SER B 173 -13.40 21.80 20.43
N LYS B 174 -14.53 21.13 20.65
CA LYS B 174 -15.53 21.67 21.57
C LYS B 174 -15.44 21.02 22.96
N ASP B 175 -15.39 19.69 23.03
CA ASP B 175 -15.43 19.00 24.34
C ASP B 175 -14.15 18.24 24.69
N SER B 176 -13.12 18.38 23.86
CA SER B 176 -11.83 17.75 24.09
C SER B 176 -11.89 16.23 24.22
N THR B 177 -12.89 15.60 23.61
CA THR B 177 -12.96 14.14 23.61
C THR B 177 -12.38 13.56 22.33
N TYR B 178 -12.28 12.24 22.33
CA TYR B 178 -11.85 11.46 21.19
C TYR B 178 -13.02 10.59 20.72
N SER B 179 -12.96 10.20 19.45
CA SER B 179 -13.93 9.25 18.90
C SER B 179 -13.21 8.23 18.05
N MET B 180 -13.88 7.10 17.82
CA MET B 180 -13.32 6.01 17.04
C MET B 180 -14.40 5.32 16.22
N SER B 181 -14.01 4.93 15.01
CA SER B 181 -14.91 4.23 14.11
C SER B 181 -14.31 2.86 13.83
N SER B 182 -15.14 1.82 13.89
CA SER B 182 -14.72 0.46 13.57
C SER B 182 -15.67 -0.12 12.54
N THR B 183 -15.11 -0.66 11.46
CA THR B 183 -15.90 -1.23 10.37
C THR B 183 -15.50 -2.68 10.13
N LEU B 184 -16.49 -3.56 10.22
CA LEU B 184 -16.32 -4.96 9.88
C LEU B 184 -16.83 -5.18 8.46
N THR B 185 -15.93 -5.54 7.55
CA THR B 185 -16.35 -5.77 6.17
C THR B 185 -16.35 -7.25 5.82
N LEU B 186 -17.47 -7.68 5.21
CA LEU B 186 -17.73 -9.06 4.85
C LEU B 186 -18.24 -9.08 3.42
N THR B 187 -18.25 -10.27 2.83
CA THR B 187 -18.99 -10.50 1.61
C THR B 187 -20.45 -10.53 2.02
N LYS B 188 -21.32 -10.13 1.09
CA LYS B 188 -22.75 -10.31 1.28
C LYS B 188 -23.07 -11.78 1.59
N ASP B 189 -22.37 -12.70 0.91
CA ASP B 189 -22.57 -14.14 1.15
C ASP B 189 -22.38 -14.51 2.62
N GLU B 190 -21.24 -14.10 3.19
CA GLU B 190 -20.97 -14.43 4.59
C GLU B 190 -21.91 -13.69 5.54
N TYR B 191 -22.25 -12.45 5.22
CA TYR B 191 -23.18 -11.66 6.04
C TYR B 191 -24.53 -12.37 6.15
N GLU B 192 -25.03 -12.81 5.00
CA GLU B 192 -26.33 -13.46 4.93
C GLU B 192 -26.37 -14.80 5.66
N ARG B 193 -25.22 -15.44 5.82
CA ARG B 193 -25.18 -16.74 6.48
C ARG B 193 -25.45 -16.62 7.98
N HIS B 194 -25.13 -15.47 8.56
CA HIS B 194 -25.27 -15.26 10.01
C HIS B 194 -26.28 -14.15 10.29
N ASN B 195 -26.88 -14.16 11.48
CA ASN B 195 -27.89 -13.14 11.81
C ASN B 195 -27.54 -12.19 12.98
N SER B 196 -26.58 -12.54 13.85
CA SER B 196 -26.26 -11.68 15.00
C SER B 196 -24.87 -11.03 14.94
N TYR B 197 -24.85 -9.70 15.04
CA TYR B 197 -23.61 -8.92 14.91
C TYR B 197 -23.44 -7.99 16.10
N THR B 198 -22.27 -8.05 16.72
CA THR B 198 -22.05 -7.38 17.99
C THR B 198 -20.76 -6.59 17.99
N CYS B 199 -20.87 -5.35 18.45
CA CYS B 199 -19.75 -4.45 18.65
C CYS B 199 -19.72 -4.11 20.13
N GLU B 200 -18.61 -4.41 20.81
CA GLU B 200 -18.48 -4.04 22.22
C GLU B 200 -17.16 -3.34 22.50
N ALA B 201 -17.23 -2.34 23.39
CA ALA B 201 -16.11 -1.44 23.66
C ALA B 201 -15.66 -1.58 25.10
N THR B 202 -14.36 -1.74 25.29
CA THR B 202 -13.78 -1.74 26.62
C THR B 202 -13.04 -0.42 26.83
N HIS B 203 -13.45 0.32 27.85
CA HIS B 203 -12.85 1.61 28.18
C HIS B 203 -12.57 1.73 29.69
N LYS B 204 -11.56 2.52 30.04
CA LYS B 204 -11.16 2.75 31.44
C LYS B 204 -12.28 3.26 32.35
N THR B 205 -13.29 3.90 31.76
CA THR B 205 -14.41 4.41 32.52
C THR B 205 -15.22 3.30 33.22
N SER B 206 -15.25 2.10 32.67
CA SER B 206 -15.97 1.00 33.29
C SER B 206 -15.23 -0.34 33.21
N THR B 207 -15.49 -1.22 34.17
CA THR B 207 -14.92 -2.56 34.15
C THR B 207 -15.63 -3.41 33.10
N SER B 208 -16.93 -3.17 32.92
CA SER B 208 -17.75 -3.95 31.98
C SER B 208 -17.79 -3.29 30.60
N PRO B 209 -17.66 -4.10 29.53
CA PRO B 209 -17.74 -3.49 28.20
C PRO B 209 -19.12 -2.95 27.86
N ILE B 210 -19.17 -1.88 27.09
CA ILE B 210 -20.43 -1.39 26.52
C ILE B 210 -20.68 -2.19 25.25
N VAL B 211 -21.87 -2.76 25.14
CA VAL B 211 -22.18 -3.72 24.10
C VAL B 211 -23.36 -3.21 23.26
N LYS B 212 -23.19 -3.23 21.94
CA LYS B 212 -24.28 -2.92 21.04
C LYS B 212 -24.39 -3.99 19.97
N SER B 213 -25.61 -4.33 19.60
CA SER B 213 -25.83 -5.40 18.64
C SER B 213 -27.15 -5.28 17.90
N PHE B 214 -27.29 -6.07 16.84
CA PHE B 214 -28.55 -6.19 16.12
C PHE B 214 -28.64 -7.59 15.53
N ASN B 215 -29.86 -8.01 15.22
CA ASN B 215 -30.11 -9.23 14.48
C ASN B 215 -30.49 -8.92 13.05
N ARG B 216 -29.82 -9.57 12.11
CA ARG B 216 -30.21 -9.50 10.72
C ARG B 216 -31.54 -10.21 10.55
N GLN C 1 -2.06 2.26 -13.92
CA GLN C 1 -0.98 1.44 -13.30
C GLN C 1 0.08 1.06 -14.31
N VAL C 2 1.29 0.89 -13.84
CA VAL C 2 2.39 0.53 -14.69
C VAL C 2 2.44 -0.98 -14.81
N GLN C 3 2.68 -1.47 -16.01
CA GLN C 3 2.81 -2.92 -16.22
C GLN C 3 3.96 -3.23 -17.14
N LEU C 4 4.67 -4.31 -16.83
CA LEU C 4 5.66 -4.88 -17.73
C LEU C 4 5.22 -6.30 -18.05
N GLN C 5 4.67 -6.49 -19.23
CA GLN C 5 4.00 -7.76 -19.54
C GLN C 5 4.94 -8.69 -20.32
N GLN C 6 5.22 -9.87 -19.77
CA GLN C 6 6.09 -10.85 -20.40
C GLN C 6 5.33 -12.07 -20.84
N SER C 7 5.83 -12.77 -21.85
CA SER C 7 5.24 -14.05 -22.22
CA SER C 7 5.23 -14.04 -22.22
C SER C 7 5.45 -15.01 -21.07
N GLY C 8 4.48 -15.87 -20.83
CA GLY C 8 4.55 -16.84 -19.76
C GLY C 8 5.66 -17.86 -19.89
N ALA C 9 5.95 -18.29 -21.13
CA ALA C 9 6.88 -19.38 -21.37
C ALA C 9 7.57 -19.27 -22.73
N GLU C 10 8.81 -19.72 -22.80
CA GLU C 10 9.51 -19.91 -24.06
C GLU C 10 10.22 -21.26 -23.99
N LEU C 11 10.03 -22.09 -25.00
CA LEU C 11 10.62 -23.43 -25.10
C LEU C 11 11.48 -23.49 -26.34
N ALA C 12 12.74 -23.92 -26.21
CA ALA C 12 13.62 -24.15 -27.37
C ALA C 12 14.59 -25.26 -27.08
N LYS C 13 15.14 -25.84 -28.15
CA LYS C 13 16.04 -26.96 -28.02
C LYS C 13 17.42 -26.46 -27.69
N PRO C 14 18.20 -27.35 -27.06
CA PRO C 14 19.58 -27.02 -26.80
C PRO C 14 20.28 -26.58 -28.10
N GLY C 15 21.10 -25.55 -28.00
CA GLY C 15 21.84 -24.98 -29.13
C GLY C 15 21.09 -23.89 -29.87
N ALA C 16 19.78 -23.81 -29.64
CA ALA C 16 18.94 -22.85 -30.34
C ALA C 16 18.88 -21.51 -29.56
N SER C 17 17.93 -20.65 -29.91
CA SER C 17 17.74 -19.39 -29.19
C SER C 17 16.28 -19.17 -28.82
N VAL C 18 16.05 -18.28 -27.86
CA VAL C 18 14.71 -17.81 -27.50
C VAL C 18 14.76 -16.30 -27.40
N ASN C 19 13.63 -15.65 -27.68
CA ASN C 19 13.47 -14.21 -27.61
CA ASN C 19 13.51 -14.18 -27.59
C ASN C 19 12.37 -13.91 -26.59
N LEU C 20 12.72 -13.18 -25.54
CA LEU C 20 11.76 -12.86 -24.48
C LEU C 20 11.32 -11.43 -24.70
N SER C 21 10.04 -11.17 -24.53
CA SER C 21 9.48 -9.83 -24.69
C SER C 21 9.03 -9.28 -23.36
N CYS C 22 9.08 -7.95 -23.25
CA CYS C 22 8.67 -7.22 -22.07
C CYS C 22 7.98 -5.94 -22.55
N LYS C 23 6.65 -5.96 -22.55
CA LYS C 23 5.82 -4.88 -23.09
C LYS C 23 5.46 -3.89 -21.98
N ALA C 24 5.96 -2.67 -22.09
CA ALA C 24 5.72 -1.59 -21.10
C ALA C 24 4.43 -0.83 -21.37
N SER C 25 3.67 -0.55 -20.32
CA SER C 25 2.55 0.34 -20.43
C SER C 25 2.38 1.14 -19.15
N GLY C 26 1.68 2.26 -19.28
CA GLY C 26 1.36 3.14 -18.16
C GLY C 26 2.44 4.15 -17.79
N TYR C 27 3.50 4.26 -18.60
CA TYR C 27 4.53 5.26 -18.37
C TYR C 27 5.30 5.55 -19.65
N THR C 28 6.16 6.56 -19.61
CA THR C 28 7.00 6.91 -20.76
C THR C 28 8.20 5.96 -20.86
N PHE C 29 8.09 5.03 -21.78
CA PHE C 29 9.04 3.96 -21.98
C PHE C 29 10.49 4.49 -22.11
N THR C 30 10.63 5.61 -22.79
CA THR C 30 11.97 6.13 -23.11
C THR C 30 12.60 6.97 -22.00
N ASN C 31 12.05 6.93 -20.77
CA ASN C 31 12.60 7.68 -19.64
C ASN C 31 13.14 6.79 -18.50
N TYR C 32 13.08 5.46 -18.66
CA TYR C 32 13.54 4.52 -17.63
C TYR C 32 14.31 3.36 -18.21
N TRP C 33 15.28 2.88 -17.44
CA TRP C 33 16.02 1.68 -17.80
C TRP C 33 15.17 0.42 -17.59
N VAL C 34 15.28 -0.50 -18.55
CA VAL C 34 14.70 -1.83 -18.39
C VAL C 34 15.85 -2.81 -18.18
N HIS C 35 15.80 -3.53 -17.06
CA HIS C 35 16.83 -4.53 -16.72
C HIS C 35 16.25 -5.95 -16.87
N TRP C 36 17.13 -6.92 -16.96
CA TRP C 36 16.75 -8.32 -16.99
C TRP C 36 17.49 -9.10 -15.90
N VAL C 37 16.75 -10.02 -15.26
CA VAL C 37 17.20 -10.72 -14.08
C VAL C 37 16.81 -12.19 -14.21
N LYS C 38 17.79 -13.06 -13.98
CA LYS C 38 17.61 -14.50 -14.03
C LYS C 38 17.36 -15.08 -12.64
N GLN C 39 16.37 -15.95 -12.56
CA GLN C 39 16.13 -16.69 -11.33
C GLN C 39 16.06 -18.17 -11.62
N ARG C 40 17.09 -18.90 -11.22
CA ARG C 40 17.12 -20.34 -11.42
C ARG C 40 16.43 -21.01 -10.21
N PRO C 41 15.98 -22.26 -10.33
CA PRO C 41 15.36 -22.85 -9.13
C PRO C 41 16.20 -22.77 -7.87
N GLY C 42 17.50 -23.04 -7.93
CA GLY C 42 18.34 -23.02 -6.71
C GLY C 42 19.41 -21.95 -6.55
N GLN C 43 19.39 -20.91 -7.37
CA GLN C 43 20.52 -19.98 -7.52
C GLN C 43 20.16 -18.48 -7.36
N GLY C 44 19.17 -18.15 -6.48
CA GLY C 44 18.86 -16.73 -6.16
C GLY C 44 18.47 -15.88 -7.37
N LEU C 45 18.93 -14.63 -7.40
CA LEU C 45 18.69 -13.72 -8.52
C LEU C 45 20.02 -13.29 -9.10
N GLU C 46 20.08 -13.18 -10.41
CA GLU C 46 21.29 -12.77 -11.09
C GLU C 46 21.00 -11.69 -12.11
N TRP C 47 21.69 -10.57 -12.00
CA TRP C 47 21.46 -9.45 -12.91
C TRP C 47 22.19 -9.70 -14.24
N ILE C 48 21.45 -9.57 -15.34
CA ILE C 48 21.98 -9.83 -16.67
C ILE C 48 22.50 -8.58 -17.36
N GLY C 49 21.71 -7.51 -17.26
CA GLY C 49 22.01 -6.27 -17.93
C GLY C 49 20.83 -5.32 -17.97
N TYR C 50 21.05 -4.16 -18.55
CA TYR C 50 19.98 -3.23 -18.83
C TYR C 50 20.12 -2.53 -20.16
N ILE C 51 19.00 -2.00 -20.64
CA ILE C 51 18.98 -1.18 -21.83
C ILE C 51 18.32 0.17 -21.51
N ASN C 52 18.90 1.20 -22.10
CA ASN C 52 18.30 2.51 -22.23
C ASN C 52 17.42 2.52 -23.48
N PRO C 53 16.08 2.52 -23.30
CA PRO C 53 15.25 2.47 -24.49
C PRO C 53 15.24 3.73 -25.34
N SER C 54 15.72 4.87 -24.83
CA SER C 54 15.74 6.09 -25.65
CA SER C 54 15.75 6.08 -25.63
C SER C 54 16.83 6.06 -26.71
N ASN C 55 17.99 5.49 -26.38
CA ASN C 55 19.15 5.54 -27.30
C ASN C 55 19.83 4.20 -27.55
N THR C 56 19.26 3.14 -26.97
CA THR C 56 19.73 1.76 -27.13
C THR C 56 21.07 1.41 -26.45
N TYR C 57 21.57 2.27 -25.57
CA TYR C 57 22.73 1.94 -24.77
C TYR C 57 22.44 0.70 -23.93
N ILE C 58 23.40 -0.24 -23.92
CA ILE C 58 23.26 -1.45 -23.12
C ILE C 58 24.43 -1.60 -22.17
N SER C 59 24.11 -1.92 -20.93
CA SER C 59 25.10 -2.28 -19.91
C SER C 59 24.88 -3.77 -19.58
N TYR C 60 25.93 -4.57 -19.67
CA TYR C 60 25.81 -6.01 -19.48
C TYR C 60 26.77 -6.55 -18.41
N ASN C 61 26.28 -7.58 -17.72
CA ASN C 61 27.12 -8.41 -16.88
C ASN C 61 28.01 -9.20 -17.84
N GLN C 62 29.32 -9.15 -17.62
CA GLN C 62 30.27 -9.80 -18.52
C GLN C 62 29.98 -11.28 -18.62
N GLN C 63 29.42 -11.85 -17.55
CA GLN C 63 29.07 -13.28 -17.53
C GLN C 63 28.06 -13.63 -18.64
N PHE C 64 27.25 -12.67 -19.07
CA PHE C 64 26.23 -12.91 -20.11
C PHE C 64 26.56 -12.26 -21.46
N LYS C 65 27.80 -11.79 -21.61
CA LYS C 65 28.16 -11.05 -22.84
C LYS C 65 27.98 -11.84 -24.15
N ASP C 66 28.14 -13.16 -24.09
CA ASP C 66 27.92 -14.01 -25.26
C ASP C 66 26.64 -14.83 -25.20
N LYS C 67 25.79 -14.53 -24.24
CA LYS C 67 24.58 -15.28 -24.01
C LYS C 67 23.35 -14.44 -24.27
N ALA C 68 23.33 -13.21 -23.76
CA ALA C 68 22.16 -12.35 -23.89
C ALA C 68 22.38 -11.19 -24.88
N THR C 69 21.34 -10.87 -25.65
CA THR C 69 21.33 -9.70 -26.53
C THR C 69 20.05 -8.91 -26.25
N LEU C 70 20.21 -7.66 -25.83
CA LEU C 70 19.09 -6.80 -25.45
C LEU C 70 18.76 -5.84 -26.58
N THR C 71 17.47 -5.66 -26.85
CA THR C 71 17.01 -4.65 -27.81
C THR C 71 15.76 -3.98 -27.24
N ALA C 72 15.32 -2.90 -27.87
CA ALA C 72 14.13 -2.18 -27.41
C ALA C 72 13.46 -1.56 -28.63
N ASP C 73 12.14 -1.72 -28.74
CA ASP C 73 11.39 -1.12 -29.81
C ASP C 73 10.52 0.04 -29.28
N LYS C 74 10.87 1.26 -29.67
CA LYS C 74 10.20 2.47 -29.16
C LYS C 74 8.74 2.53 -29.58
N SER C 75 8.43 2.18 -30.83
CA SER C 75 7.08 2.36 -31.32
C SER C 75 6.09 1.43 -30.59
N SER C 76 6.54 0.26 -30.15
CA SER C 76 5.68 -0.67 -29.45
C SER C 76 5.92 -0.70 -27.96
N SER C 77 6.83 0.16 -27.49
CA SER C 77 7.21 0.20 -26.06
C SER C 77 7.50 -1.19 -25.53
N THR C 78 8.32 -1.94 -26.29
CA THR C 78 8.65 -3.31 -25.91
C THR C 78 10.16 -3.49 -25.87
N ALA C 79 10.64 -4.07 -24.78
CA ALA C 79 12.03 -4.48 -24.63
C ALA C 79 12.12 -6.00 -24.90
N TYR C 80 13.24 -6.43 -25.46
CA TYR C 80 13.47 -7.82 -25.78
C TYR C 80 14.82 -8.29 -25.29
N MET C 81 14.88 -9.59 -24.97
CA MET C 81 16.14 -10.24 -24.64
C MET C 81 16.23 -11.56 -25.35
N GLN C 82 17.25 -11.69 -26.19
CA GLN C 82 17.51 -12.95 -26.85
C GLN C 82 18.53 -13.73 -26.04
N LEU C 83 18.23 -15.00 -25.79
CA LEU C 83 19.23 -15.92 -25.22
C LEU C 83 19.64 -16.92 -26.30
N SER C 84 20.92 -16.95 -26.63
CA SER C 84 21.40 -17.74 -27.74
C SER C 84 22.25 -18.94 -27.27
N ARG C 85 22.51 -19.87 -28.19
CA ARG C 85 23.33 -21.08 -27.90
C ARG C 85 22.87 -21.74 -26.61
N LEU C 86 21.59 -22.04 -26.57
CA LEU C 86 20.95 -22.45 -25.30
C LEU C 86 21.58 -23.73 -24.74
N THR C 87 21.79 -23.75 -23.42
CA THR C 87 22.14 -24.97 -22.68
C THR C 87 21.14 -25.16 -21.56
N TYR C 88 21.22 -26.31 -20.90
CA TYR C 88 20.28 -26.60 -19.84
C TYR C 88 20.41 -25.61 -18.68
N GLU C 89 21.60 -25.02 -18.53
CA GLU C 89 21.83 -24.02 -17.50
C GLU C 89 20.98 -22.75 -17.73
N ASP C 90 20.52 -22.56 -18.96
CA ASP C 90 19.72 -21.38 -19.28
C ASP C 90 18.24 -21.56 -18.91
N SER C 91 17.81 -22.79 -18.62
CA SER C 91 16.47 -23.01 -18.10
C SER C 91 16.31 -22.27 -16.76
N SER C 92 15.29 -21.43 -16.66
CA SER C 92 15.07 -20.54 -15.51
C SER C 92 13.87 -19.65 -15.74
N VAL C 93 13.44 -18.96 -14.68
CA VAL C 93 12.54 -17.81 -14.79
C VAL C 93 13.36 -16.54 -15.03
N TYR C 94 12.93 -15.72 -15.98
CA TYR C 94 13.59 -14.46 -16.25
C TYR C 94 12.58 -13.33 -16.06
N TYR C 95 13.00 -12.30 -15.34
CA TYR C 95 12.19 -11.09 -15.16
C TYR C 95 12.79 -9.93 -15.92
N CYS C 96 11.94 -9.09 -16.49
CA CYS C 96 12.35 -7.72 -16.80
C CYS C 96 11.91 -6.85 -15.65
N ALA C 97 12.57 -5.70 -15.48
CA ALA C 97 12.22 -4.81 -14.38
C ALA C 97 12.55 -3.41 -14.73
N ARG C 98 11.70 -2.49 -14.29
CA ARG C 98 11.97 -1.07 -14.52
C ARG C 98 12.91 -0.62 -13.42
N GLY C 99 14.06 -0.10 -13.80
CA GLY C 99 15.11 0.16 -12.85
C GLY C 99 15.76 1.49 -12.98
N GLY C 100 14.93 2.53 -12.83
CA GLY C 100 15.45 3.88 -12.64
C GLY C 100 15.01 4.88 -13.70
N PHE C 101 14.38 5.94 -13.25
CA PHE C 101 14.07 7.11 -14.05
C PHE C 101 15.39 7.79 -14.29
N PHE C 102 15.70 8.10 -15.56
CA PHE C 102 17.01 8.64 -15.90
C PHE C 102 17.35 9.91 -15.12
N TYR C 103 16.35 10.75 -14.86
CA TYR C 103 16.58 12.14 -14.49
C TYR C 103 16.47 12.41 -13.00
N ASP C 104 16.47 11.37 -12.17
CA ASP C 104 16.52 11.56 -10.73
C ASP C 104 17.29 10.36 -10.14
N TYR C 105 18.53 10.60 -9.72
CA TYR C 105 19.38 9.50 -9.26
C TYR C 105 18.97 8.91 -7.90
N ASP C 106 18.09 9.59 -7.16
CA ASP C 106 17.58 9.05 -5.90
C ASP C 106 16.58 7.91 -6.06
N VAL C 107 15.99 7.76 -7.25
CA VAL C 107 14.97 6.72 -7.45
C VAL C 107 15.45 5.64 -8.43
N TRP C 108 16.76 5.42 -8.45
CA TRP C 108 17.32 4.30 -9.18
C TRP C 108 17.13 3.04 -8.36
N TYR C 109 16.07 2.30 -8.67
CA TYR C 109 15.70 1.07 -7.98
C TYR C 109 14.70 0.31 -8.87
N PHE C 110 14.40 -0.94 -8.50
CA PHE C 110 13.46 -1.76 -9.29
C PHE C 110 12.05 -1.58 -8.74
N ASP C 111 11.33 -0.57 -9.22
CA ASP C 111 10.03 -0.29 -8.64
C ASP C 111 8.91 -1.10 -9.27
N VAL C 112 9.10 -1.60 -10.49
CA VAL C 112 8.11 -2.43 -11.16
C VAL C 112 8.80 -3.62 -11.79
N TRP C 113 8.33 -4.82 -11.46
CA TRP C 113 8.84 -6.06 -12.03
C TRP C 113 7.84 -6.65 -12.98
N GLY C 114 8.32 -7.21 -14.08
CA GLY C 114 7.48 -7.95 -14.99
C GLY C 114 6.94 -9.22 -14.38
N THR C 115 6.08 -9.81 -15.19
CA THR C 115 5.28 -10.96 -14.80
C THR C 115 6.10 -12.26 -14.82
N GLY C 116 7.27 -12.24 -15.45
CA GLY C 116 8.21 -13.37 -15.49
C GLY C 116 7.95 -14.30 -16.65
N THR C 117 9.02 -14.81 -17.27
CA THR C 117 8.92 -15.81 -18.32
C THR C 117 9.67 -17.07 -17.90
N THR C 118 9.02 -18.22 -17.97
CA THR C 118 9.71 -19.49 -17.72
C THR C 118 10.32 -20.03 -19.01
N VAL C 119 11.64 -20.01 -19.08
CA VAL C 119 12.39 -20.55 -20.19
C VAL C 119 12.79 -22.02 -19.92
N THR C 120 12.39 -22.90 -20.82
CA THR C 120 12.77 -24.30 -20.75
C THR C 120 13.61 -24.69 -21.97
N VAL C 121 14.78 -25.24 -21.72
CA VAL C 121 15.64 -25.77 -22.77
C VAL C 121 15.47 -27.27 -22.84
N SER C 122 14.84 -27.73 -23.91
CA SER C 122 14.50 -29.13 -24.05
C SER C 122 14.15 -29.43 -25.49
N SER C 123 14.29 -30.69 -25.89
CA SER C 123 13.94 -31.10 -27.22
C SER C 123 12.47 -31.52 -27.28
N ALA C 124 11.83 -31.69 -26.13
CA ALA C 124 10.44 -32.12 -26.09
C ALA C 124 9.49 -31.05 -26.61
N LYS C 125 8.34 -31.48 -27.12
CA LYS C 125 7.44 -30.53 -27.76
C LYS C 125 6.40 -30.02 -26.77
N THR C 126 5.72 -28.94 -27.12
CA THR C 126 4.68 -28.38 -26.30
C THR C 126 3.48 -29.32 -26.29
N THR C 127 2.99 -29.65 -25.11
CA THR C 127 1.80 -30.50 -24.92
C THR C 127 0.86 -29.78 -23.94
N PRO C 128 -0.38 -29.45 -24.37
CA PRO C 128 -1.31 -28.83 -23.42
C PRO C 128 -1.84 -29.83 -22.38
N PRO C 129 -2.31 -29.35 -21.23
CA PRO C 129 -2.72 -30.28 -20.17
C PRO C 129 -4.08 -30.88 -20.39
N SER C 130 -4.31 -32.06 -19.84
CA SER C 130 -5.66 -32.56 -19.64
C SER C 130 -6.06 -32.08 -18.26
N VAL C 131 -7.30 -31.62 -18.13
CA VAL C 131 -7.78 -31.10 -16.86
C VAL C 131 -8.97 -31.95 -16.40
N TYR C 132 -8.82 -32.61 -15.25
CA TYR C 132 -9.82 -33.53 -14.75
C TYR C 132 -10.41 -32.99 -13.44
N PRO C 133 -11.73 -33.02 -13.33
CA PRO C 133 -12.36 -32.54 -12.11
C PRO C 133 -12.22 -33.57 -10.98
N LEU C 134 -12.10 -33.08 -9.75
CA LEU C 134 -12.04 -33.94 -8.57
C LEU C 134 -13.24 -33.60 -7.70
N ALA C 135 -14.23 -34.47 -7.70
CA ALA C 135 -15.45 -34.28 -6.93
C ALA C 135 -15.55 -35.35 -5.86
N PRO C 136 -16.15 -35.02 -4.71
CA PRO C 136 -16.48 -36.05 -3.73
C PRO C 136 -17.70 -36.85 -4.19
N ASN C 143 -18.75 -32.11 6.30
CA ASN C 143 -19.89 -31.51 7.01
C ASN C 143 -20.08 -30.05 6.62
N SER C 144 -19.61 -29.11 7.43
CA SER C 144 -19.82 -27.69 7.15
C SER C 144 -19.00 -27.22 5.95
N MET C 145 -17.87 -27.86 5.66
CA MET C 145 -17.03 -27.51 4.52
CA MET C 145 -17.06 -27.50 4.50
C MET C 145 -16.88 -28.68 3.56
N VAL C 146 -16.57 -28.39 2.30
CA VAL C 146 -16.32 -29.42 1.30
C VAL C 146 -15.12 -29.03 0.43
N THR C 147 -14.25 -29.99 0.17
CA THR C 147 -13.07 -29.77 -0.63
C THR C 147 -13.25 -30.37 -2.03
N LEU C 148 -12.95 -29.56 -3.03
CA LEU C 148 -12.99 -29.94 -4.44
C LEU C 148 -11.59 -29.76 -5.00
N GLY C 149 -11.37 -30.26 -6.21
CA GLY C 149 -10.05 -30.11 -6.84
C GLY C 149 -10.07 -30.26 -8.35
N CYS C 150 -8.91 -29.97 -8.95
CA CYS C 150 -8.66 -30.19 -10.37
C CYS C 150 -7.28 -30.84 -10.50
N LEU C 151 -7.22 -31.88 -11.34
CA LEU C 151 -5.97 -32.53 -11.66
C LEU C 151 -5.56 -32.09 -13.06
N VAL C 152 -4.34 -31.57 -13.16
CA VAL C 152 -3.83 -30.98 -14.37
C VAL C 152 -2.69 -31.87 -14.82
N LYS C 153 -2.96 -32.72 -15.81
CA LYS C 153 -2.07 -33.82 -16.11
C LYS C 153 -1.49 -33.76 -17.50
N GLY C 154 -0.21 -34.08 -17.61
CA GLY C 154 0.41 -34.39 -18.88
C GLY C 154 0.70 -33.19 -19.76
N TYR C 155 1.22 -32.11 -19.18
CA TYR C 155 1.58 -30.92 -19.95
C TYR C 155 3.09 -30.69 -20.00
N PHE C 156 3.51 -29.92 -21.00
CA PHE C 156 4.90 -29.51 -21.12
C PHE C 156 4.95 -28.29 -22.02
N PRO C 157 5.81 -27.30 -21.70
CA PRO C 157 6.66 -27.17 -20.51
C PRO C 157 5.89 -26.44 -19.41
N GLU C 158 6.59 -26.08 -18.33
CA GLU C 158 6.02 -25.20 -17.32
C GLU C 158 5.86 -23.80 -17.89
N PRO C 159 4.97 -22.97 -17.29
CA PRO C 159 4.13 -23.29 -16.15
C PRO C 159 2.67 -23.47 -16.56
N VAL C 160 1.83 -23.79 -15.58
CA VAL C 160 0.41 -23.56 -15.68
C VAL C 160 -0.01 -22.66 -14.52
N THR C 161 -1.05 -21.88 -14.71
CA THR C 161 -1.62 -21.12 -13.60
C THR C 161 -3.06 -21.60 -13.41
N VAL C 162 -3.47 -21.74 -12.15
CA VAL C 162 -4.81 -22.23 -11.84
C VAL C 162 -5.51 -21.17 -11.03
N THR C 163 -6.72 -20.80 -11.43
CA THR C 163 -7.61 -20.02 -10.60
C THR C 163 -8.93 -20.76 -10.45
N TRP C 164 -9.78 -20.27 -9.56
CA TRP C 164 -11.12 -20.85 -9.37
C TRP C 164 -12.18 -19.78 -9.53
N ASN C 165 -13.24 -20.11 -10.27
CA ASN C 165 -14.27 -19.14 -10.63
C ASN C 165 -13.66 -17.83 -11.10
N SER C 166 -12.71 -17.97 -12.02
CA SER C 166 -12.03 -16.83 -12.64
C SER C 166 -11.36 -15.88 -11.66
N GLY C 167 -10.87 -16.40 -10.54
CA GLY C 167 -10.17 -15.59 -9.55
C GLY C 167 -11.04 -15.09 -8.42
N SER C 168 -12.36 -15.21 -8.55
CA SER C 168 -13.25 -14.74 -7.51
C SER C 168 -13.26 -15.66 -6.28
N LEU C 169 -12.85 -16.91 -6.45
CA LEU C 169 -12.65 -17.84 -5.34
C LEU C 169 -11.17 -17.94 -5.09
N SER C 170 -10.66 -17.17 -4.12
CA SER C 170 -9.22 -17.22 -3.79
C SER C 170 -8.94 -17.80 -2.39
N SER C 171 -9.89 -17.68 -1.47
CA SER C 171 -9.74 -18.28 -0.15
C SER C 171 -9.96 -19.78 -0.22
N GLY C 172 -9.18 -20.50 0.58
CA GLY C 172 -9.30 -21.94 0.70
C GLY C 172 -8.66 -22.69 -0.46
N VAL C 173 -7.85 -22.00 -1.26
CA VAL C 173 -7.23 -22.58 -2.44
C VAL C 173 -5.79 -23.00 -2.13
N HIS C 174 -5.43 -24.21 -2.54
CA HIS C 174 -4.07 -24.69 -2.52
C HIS C 174 -3.73 -25.22 -3.90
N THR C 175 -2.73 -24.61 -4.54
CA THR C 175 -2.26 -25.08 -5.83
C THR C 175 -0.84 -25.62 -5.62
N PHE C 176 -0.63 -26.88 -5.98
CA PHE C 176 0.59 -27.58 -5.62
C PHE C 176 1.62 -27.51 -6.74
N PRO C 177 2.92 -27.46 -6.40
CA PRO C 177 3.94 -27.53 -7.44
C PRO C 177 3.82 -28.78 -8.32
N ALA C 178 4.09 -28.62 -9.61
CA ALA C 178 4.04 -29.73 -10.57
C ALA C 178 5.14 -30.72 -10.30
N VAL C 179 4.90 -31.99 -10.65
CA VAL C 179 5.90 -33.02 -10.65
C VAL C 179 6.11 -33.49 -12.09
N LEU C 180 7.37 -33.75 -12.43
CA LEU C 180 7.75 -34.20 -13.76
C LEU C 180 7.87 -35.71 -13.73
N GLN C 181 7.16 -36.37 -14.63
CA GLN C 181 7.23 -37.84 -14.75
C GLN C 181 7.03 -38.24 -16.20
N SER C 182 7.98 -39.00 -16.74
CA SER C 182 7.92 -39.44 -18.13
C SER C 182 7.86 -38.26 -19.10
N ASP C 183 8.66 -37.24 -18.83
CA ASP C 183 8.78 -36.07 -19.70
C ASP C 183 7.54 -35.14 -19.73
N LEU C 184 6.63 -35.31 -18.80
CA LEU C 184 5.43 -34.46 -18.72
C LEU C 184 5.16 -34.07 -17.27
N TYR C 185 4.56 -32.91 -17.09
CA TYR C 185 4.24 -32.40 -15.76
C TYR C 185 2.80 -32.72 -15.36
N THR C 186 2.61 -32.86 -14.06
CA THR C 186 1.28 -33.01 -13.48
C THR C 186 1.21 -32.19 -12.20
N LEU C 187 0.13 -31.46 -12.03
CA LEU C 187 -0.15 -30.79 -10.78
C LEU C 187 -1.60 -30.89 -10.42
N SER C 188 -1.89 -30.51 -9.18
CA SER C 188 -3.26 -30.46 -8.70
C SER C 188 -3.53 -29.16 -7.97
N SER C 189 -4.82 -28.84 -7.84
CA SER C 189 -5.27 -27.70 -7.05
C SER C 189 -6.51 -28.12 -6.29
N SER C 190 -6.59 -27.68 -5.03
CA SER C 190 -7.77 -27.93 -4.20
C SER C 190 -8.39 -26.61 -3.81
N VAL C 191 -9.69 -26.64 -3.58
CA VAL C 191 -10.42 -25.50 -3.06
C VAL C 191 -11.42 -26.04 -2.05
N THR C 192 -11.57 -25.33 -0.94
CA THR C 192 -12.46 -25.72 0.12
C THR C 192 -13.49 -24.62 0.28
N VAL C 193 -14.77 -24.98 0.20
CA VAL C 193 -15.86 -24.00 0.30
C VAL C 193 -16.90 -24.45 1.33
N PRO C 194 -17.78 -23.53 1.74
CA PRO C 194 -18.85 -23.97 2.62
C PRO C 194 -19.76 -24.99 1.95
N SER C 195 -20.14 -26.02 2.68
CA SER C 195 -20.97 -27.09 2.15
C SER C 195 -22.31 -26.60 1.58
N SER C 196 -22.84 -25.53 2.15
CA SER C 196 -24.07 -24.92 1.64
C SER C 196 -23.92 -24.35 0.22
N THR C 197 -22.69 -24.05 -0.18
CA THR C 197 -22.44 -23.31 -1.40
C THR C 197 -22.30 -24.23 -2.61
N TRP C 198 -21.86 -25.46 -2.40
CA TRP C 198 -21.78 -26.45 -3.47
C TRP C 198 -22.61 -27.72 -3.19
N PRO C 199 -23.25 -28.30 -4.23
CA PRO C 199 -23.17 -27.85 -5.62
C PRO C 199 -24.21 -26.79 -6.00
N SER C 200 -24.85 -26.15 -5.02
CA SER C 200 -25.91 -25.19 -5.32
C SER C 200 -25.37 -24.00 -6.11
N GLU C 201 -24.14 -23.56 -5.80
CA GLU C 201 -23.41 -22.58 -6.61
C GLU C 201 -22.28 -23.31 -7.32
N THR C 202 -22.03 -22.96 -8.57
CA THR C 202 -21.05 -23.66 -9.37
C THR C 202 -19.60 -23.31 -8.98
N VAL C 203 -18.72 -24.31 -9.10
CA VAL C 203 -17.30 -24.13 -8.88
C VAL C 203 -16.58 -24.68 -10.10
N THR C 204 -15.68 -23.86 -10.63
CA THR C 204 -14.95 -24.15 -11.84
C THR C 204 -13.46 -23.83 -11.65
N CYS C 205 -12.60 -24.72 -12.10
CA CYS C 205 -11.18 -24.39 -12.08
C CYS C 205 -10.75 -23.95 -13.47
N ASN C 206 -9.94 -22.90 -13.53
CA ASN C 206 -9.50 -22.29 -14.77
C ASN C 206 -7.99 -22.50 -14.87
N VAL C 207 -7.56 -23.20 -15.92
CA VAL C 207 -6.17 -23.60 -16.06
C VAL C 207 -5.59 -22.94 -17.29
N ALA C 208 -4.54 -22.14 -17.11
CA ALA C 208 -3.87 -21.53 -18.26
C ALA C 208 -2.52 -22.19 -18.45
N HIS C 209 -2.22 -22.53 -19.70
CA HIS C 209 -0.93 -23.08 -20.09
C HIS C 209 -0.32 -22.16 -21.15
N PRO C 210 0.53 -21.22 -20.73
CA PRO C 210 0.91 -20.20 -21.72
C PRO C 210 1.70 -20.74 -22.93
N ALA C 211 2.51 -21.78 -22.74
CA ALA C 211 3.31 -22.28 -23.86
C ALA C 211 2.45 -22.76 -25.03
N SER C 212 1.23 -23.28 -24.76
CA SER C 212 0.32 -23.71 -25.84
C SER C 212 -0.78 -22.69 -26.11
N SER C 213 -0.70 -21.53 -25.47
CA SER C 213 -1.72 -20.48 -25.56
C SER C 213 -3.12 -20.98 -25.27
N THR C 214 -3.25 -21.93 -24.33
CA THR C 214 -4.55 -22.55 -24.04
CA THR C 214 -4.53 -22.56 -24.04
C THR C 214 -5.03 -22.24 -22.64
N LYS C 215 -6.35 -22.11 -22.50
CA LYS C 215 -7.03 -22.00 -21.24
C LYS C 215 -8.15 -23.02 -21.21
N VAL C 216 -8.26 -23.75 -20.12
CA VAL C 216 -9.32 -24.75 -19.94
C VAL C 216 -10.15 -24.42 -18.71
N ASP C 217 -11.46 -24.48 -18.84
CA ASP C 217 -12.34 -24.24 -17.69
C ASP C 217 -13.09 -25.50 -17.40
N LYS C 218 -12.93 -26.05 -16.22
CA LYS C 218 -13.54 -27.31 -15.93
C LYS C 218 -14.47 -27.22 -14.72
N LYS C 219 -15.77 -27.41 -14.94
CA LYS C 219 -16.74 -27.34 -13.86
C LYS C 219 -16.68 -28.61 -13.02
N ILE C 220 -16.78 -28.46 -11.71
CA ILE C 220 -16.79 -29.59 -10.80
C ILE C 220 -18.23 -30.01 -10.50
N VAL C 221 -18.59 -31.25 -10.86
CA VAL C 221 -19.96 -31.77 -10.76
C VAL C 221 -20.03 -32.96 -9.79
N PRO C 222 -21.09 -33.05 -8.98
CA PRO C 222 -21.15 -34.13 -7.96
C PRO C 222 -20.96 -35.52 -8.54
N ASP D 1 33.75 -8.53 -8.92
CA ASP D 1 32.33 -8.23 -8.63
C ASP D 1 32.15 -8.09 -7.12
N VAL D 2 31.10 -7.38 -6.74
CA VAL D 2 30.70 -7.27 -5.35
C VAL D 2 29.89 -8.51 -4.95
N LEU D 3 30.39 -9.27 -4.01
CA LEU D 3 29.64 -10.38 -3.44
C LEU D 3 28.75 -9.84 -2.32
N MET D 4 27.46 -10.21 -2.35
CA MET D 4 26.50 -9.84 -1.32
C MET D 4 26.17 -11.10 -0.52
N THR D 5 26.63 -11.16 0.72
CA THR D 5 26.47 -12.35 1.54
C THR D 5 25.32 -12.15 2.51
N GLN D 6 24.26 -12.93 2.34
CA GLN D 6 23.07 -12.81 3.18
C GLN D 6 23.03 -13.89 4.22
N ILE D 7 22.66 -13.49 5.43
CA ILE D 7 22.55 -14.40 6.57
C ILE D 7 21.22 -14.09 7.28
N PRO D 8 20.41 -15.12 7.61
CA PRO D 8 20.55 -16.54 7.35
C PRO D 8 19.96 -16.86 5.98
N LEU D 9 19.96 -18.13 5.62
CA LEU D 9 19.30 -18.59 4.39
C LEU D 9 17.82 -18.81 4.65
N SER D 10 17.49 -19.28 5.84
CA SER D 10 16.10 -19.39 6.27
C SER D 10 15.95 -19.08 7.75
N LEU D 11 14.82 -18.48 8.10
CA LEU D 11 14.60 -17.90 9.43
C LEU D 11 13.15 -18.08 9.87
N PRO D 12 12.90 -18.95 10.85
CA PRO D 12 11.57 -19.06 11.43
C PRO D 12 11.32 -18.01 12.52
N VAL D 13 10.13 -17.40 12.51
CA VAL D 13 9.81 -16.36 13.48
CA VAL D 13 9.81 -16.33 13.45
C VAL D 13 8.35 -16.48 13.92
N SER D 14 8.11 -16.23 15.20
CA SER D 14 6.75 -16.19 15.74
C SER D 14 6.06 -14.90 15.33
N LEU D 15 4.74 -14.97 15.13
CA LEU D 15 3.96 -13.78 14.85
C LEU D 15 4.16 -12.77 15.96
N GLY D 16 4.37 -11.52 15.59
CA GLY D 16 4.50 -10.47 16.58
C GLY D 16 5.94 -10.20 16.98
N ASP D 17 6.85 -11.11 16.69
CA ASP D 17 8.26 -10.90 17.01
C ASP D 17 8.97 -10.13 15.93
N GLN D 18 10.17 -9.64 16.26
CA GLN D 18 11.03 -9.02 15.26
C GLN D 18 11.90 -10.06 14.56
N ALA D 19 12.03 -9.92 13.23
CA ALA D 19 13.02 -10.67 12.48
C ALA D 19 14.11 -9.74 12.00
N SER D 20 15.33 -10.24 11.94
CA SER D 20 16.46 -9.46 11.47
CA SER D 20 16.48 -9.47 11.48
C SER D 20 17.23 -10.27 10.43
N ILE D 21 17.58 -9.61 9.32
CA ILE D 21 18.28 -10.24 8.21
C ILE D 21 19.47 -9.36 7.83
N SER D 22 20.62 -10.01 7.65
CA SER D 22 21.88 -9.32 7.44
C SER D 22 22.37 -9.50 6.00
N CYS D 23 23.06 -8.50 5.51
CA CYS D 23 23.63 -8.52 4.19
C CYS D 23 24.99 -7.83 4.27
N ARG D 24 26.04 -8.52 3.89
CA ARG D 24 27.39 -7.96 3.88
C ARG D 24 27.96 -7.91 2.46
N SER D 25 28.48 -6.75 2.08
CA SER D 25 29.08 -6.59 0.75
C SER D 25 30.57 -6.85 0.85
N SER D 26 31.16 -7.43 -0.18
CA SER D 26 32.59 -7.76 -0.14
C SER D 26 33.46 -6.53 -0.31
N GLN D 27 32.86 -5.44 -0.74
CA GLN D 27 33.55 -4.18 -0.82
C GLN D 27 32.53 -3.06 -0.68
N ASN D 28 33.01 -1.83 -0.64
CA ASN D 28 32.12 -0.68 -0.48
C ASN D 28 31.19 -0.56 -1.67
N ILE D 29 29.97 -0.12 -1.41
CA ILE D 29 28.95 0.03 -2.45
C ILE D 29 28.42 1.45 -2.51
N VAL D 30 29.33 2.40 -2.42
CA VAL D 30 29.02 3.79 -2.63
C VAL D 30 29.23 4.10 -4.11
N HIS D 31 28.15 4.45 -4.81
CA HIS D 31 28.23 4.83 -6.22
C HIS D 31 29.03 6.13 -6.38
N SER D 32 29.59 6.34 -7.57
CA SER D 32 30.36 7.53 -7.83
C SER D 32 29.60 8.86 -7.64
N ASN D 33 28.27 8.83 -7.70
CA ASN D 33 27.45 10.03 -7.44
C ASN D 33 27.17 10.25 -5.96
N GLY D 34 27.76 9.43 -5.09
CA GLY D 34 27.61 9.58 -3.65
C GLY D 34 26.53 8.73 -2.98
N ASN D 35 25.59 8.16 -3.74
CA ASN D 35 24.53 7.34 -3.16
C ASN D 35 24.95 5.91 -2.94
N THR D 36 24.47 5.32 -1.84
CA THR D 36 24.60 3.90 -1.60
C THR D 36 23.33 3.16 -2.04
N TYR D 37 23.38 2.53 -3.21
CA TYR D 37 22.21 1.85 -3.77
C TYR D 37 22.07 0.44 -3.20
N LEU D 38 21.61 0.37 -1.95
CA LEU D 38 21.35 -0.86 -1.27
C LEU D 38 19.83 -0.92 -1.09
N GLU D 39 19.24 -1.94 -1.71
CA GLU D 39 17.81 -2.20 -1.64
C GLU D 39 17.51 -3.55 -1.03
N TRP D 40 16.31 -3.66 -0.47
CA TRP D 40 15.75 -4.92 -0.02
C TRP D 40 14.46 -5.16 -0.80
N TYR D 41 14.33 -6.39 -1.32
CA TYR D 41 13.19 -6.88 -2.10
C TYR D 41 12.58 -8.06 -1.37
N LEU D 42 11.26 -8.21 -1.51
CA LEU D 42 10.54 -9.37 -0.98
C LEU D 42 9.85 -10.05 -2.15
N GLN D 43 10.06 -11.36 -2.27
CA GLN D 43 9.36 -12.14 -3.26
C GLN D 43 8.49 -13.17 -2.53
N LYS D 44 7.18 -12.97 -2.64
CA LYS D 44 6.21 -13.89 -2.05
C LYS D 44 5.96 -15.01 -3.01
N PRO D 45 5.49 -16.16 -2.50
CA PRO D 45 5.31 -17.33 -3.35
C PRO D 45 4.44 -17.03 -4.54
N GLY D 46 4.89 -17.49 -5.71
CA GLY D 46 4.14 -17.29 -6.92
C GLY D 46 4.21 -15.90 -7.52
N GLN D 47 4.94 -14.96 -6.91
CA GLN D 47 4.94 -13.56 -7.36
C GLN D 47 6.33 -13.05 -7.78
N SER D 48 6.32 -11.89 -8.43
CA SER D 48 7.56 -11.21 -8.72
CA SER D 48 7.51 -11.14 -8.77
C SER D 48 8.07 -10.51 -7.49
N PRO D 49 9.37 -10.23 -7.41
CA PRO D 49 9.83 -9.45 -6.28
C PRO D 49 9.15 -8.07 -6.19
N LYS D 50 9.14 -7.48 -5.00
CA LYS D 50 8.64 -6.12 -4.80
C LYS D 50 9.59 -5.34 -3.90
N LEU D 51 9.78 -4.07 -4.22
CA LEU D 51 10.70 -3.21 -3.49
C LEU D 51 10.17 -2.86 -2.08
N LEU D 52 11.02 -3.00 -1.08
CA LEU D 52 10.66 -2.60 0.28
C LEU D 52 11.45 -1.38 0.76
N ILE D 53 12.77 -1.44 0.60
CA ILE D 53 13.66 -0.43 1.14
C ILE D 53 14.69 -0.06 0.08
N TYR D 54 14.99 1.23 -0.03
CA TYR D 54 16.03 1.68 -0.95
C TYR D 54 16.96 2.66 -0.29
N LYS D 55 18.12 2.87 -0.92
CA LYS D 55 19.18 3.69 -0.36
C LYS D 55 19.39 3.40 1.14
N VAL D 56 19.53 2.10 1.43
CA VAL D 56 19.86 1.55 2.74
C VAL D 56 18.69 1.57 3.73
N SER D 57 18.09 2.74 3.91
CA SER D 57 17.17 2.95 5.02
C SER D 57 15.88 3.65 4.65
N ASN D 58 15.61 3.87 3.36
CA ASN D 58 14.39 4.60 2.98
C ASN D 58 13.29 3.63 2.65
N ARG D 59 12.17 3.77 3.32
CA ARG D 59 11.03 2.90 3.08
C ARG D 59 10.33 3.35 1.79
N PHE D 60 10.12 2.40 0.87
CA PHE D 60 9.43 2.68 -0.38
C PHE D 60 7.96 2.97 -0.12
N SER D 61 7.39 3.82 -0.96
CA SER D 61 5.98 4.18 -0.84
C SER D 61 5.07 2.98 -0.68
N GLY D 62 4.22 3.03 0.35
CA GLY D 62 3.22 1.98 0.57
C GLY D 62 3.72 0.83 1.44
N VAL D 63 5.02 0.77 1.73
CA VAL D 63 5.55 -0.28 2.61
C VAL D 63 5.27 0.05 4.07
N PRO D 64 4.76 -0.91 4.85
CA PRO D 64 4.45 -0.63 6.25
C PRO D 64 5.64 -0.18 7.10
N ASP D 65 5.34 0.61 8.12
CA ASP D 65 6.31 1.13 9.07
C ASP D 65 7.15 0.05 9.76
N ARG D 66 6.63 -1.18 9.82
CA ARG D 66 7.38 -2.20 10.52
C ARG D 66 8.62 -2.72 9.80
N PHE D 67 8.80 -2.37 8.52
CA PHE D 67 10.02 -2.69 7.80
C PHE D 67 11.02 -1.54 7.92
N SER D 68 12.23 -1.82 8.39
CA SER D 68 13.24 -0.79 8.45
C SER D 68 14.60 -1.34 8.04
N GLY D 69 15.38 -0.50 7.38
CA GLY D 69 16.69 -0.86 6.93
C GLY D 69 17.70 0.02 7.59
N SER D 70 18.89 -0.53 7.83
CA SER D 70 19.98 0.23 8.39
C SER D 70 21.31 -0.31 7.88
N GLY D 71 22.37 0.40 8.23
CA GLY D 71 23.72 -0.11 8.07
C GLY D 71 24.62 0.90 7.42
N SER D 72 25.88 0.53 7.25
CA SER D 72 26.83 1.39 6.53
C SER D 72 28.07 0.59 6.19
N GLY D 73 28.90 1.15 5.32
CA GLY D 73 30.15 0.51 4.95
C GLY D 73 29.79 -0.75 4.21
N THR D 74 30.08 -1.90 4.82
CA THR D 74 29.77 -3.14 4.16
C THR D 74 28.77 -3.98 4.92
N ASP D 75 28.12 -3.46 5.95
CA ASP D 75 27.14 -4.26 6.71
CA ASP D 75 27.14 -4.27 6.69
C ASP D 75 25.76 -3.63 6.75
N PHE D 76 24.76 -4.33 6.23
CA PHE D 76 23.40 -3.82 6.13
C PHE D 76 22.41 -4.78 6.77
N THR D 77 21.32 -4.25 7.33
CA THR D 77 20.38 -5.04 8.06
C THR D 77 18.95 -4.62 7.76
N LEU D 78 18.10 -5.61 7.50
CA LEU D 78 16.64 -5.40 7.42
C LEU D 78 16.04 -5.95 8.70
N LYS D 79 15.23 -5.12 9.34
CA LYS D 79 14.46 -5.53 10.49
C LYS D 79 12.99 -5.45 10.15
N ILE D 80 12.27 -6.52 10.47
CA ILE D 80 10.81 -6.56 10.34
C ILE D 80 10.24 -6.66 11.75
N SER D 81 9.65 -5.59 12.22
CA SER D 81 9.03 -5.60 13.54
C SER D 81 7.65 -6.22 13.43
N ARG D 82 7.17 -6.78 14.53
CA ARG D 82 5.82 -7.27 14.62
C ARG D 82 5.43 -8.08 13.37
N VAL D 83 6.18 -9.14 13.12
CA VAL D 83 5.96 -9.98 11.95
C VAL D 83 4.50 -10.46 11.85
N GLU D 84 3.97 -10.36 10.63
CA GLU D 84 2.63 -10.85 10.29
C GLU D 84 2.71 -12.03 9.31
N ALA D 85 1.67 -12.84 9.28
CA ALA D 85 1.58 -14.00 8.39
C ALA D 85 1.88 -13.64 6.96
N GLU D 86 1.40 -12.47 6.53
CA GLU D 86 1.58 -12.04 5.14
C GLU D 86 3.04 -11.68 4.79
N ASP D 87 3.93 -11.58 5.76
CA ASP D 87 5.34 -11.22 5.53
C ASP D 87 6.20 -12.37 5.03
N LEU D 88 5.63 -13.55 4.97
CA LEU D 88 6.39 -14.69 4.53
C LEU D 88 6.80 -14.60 3.04
N GLY D 89 7.97 -15.15 2.77
CA GLY D 89 8.53 -15.15 1.43
C GLY D 89 10.04 -15.09 1.51
N VAL D 90 10.67 -14.75 0.39
CA VAL D 90 12.13 -14.67 0.33
C VAL D 90 12.58 -13.23 0.16
N TYR D 91 13.44 -12.80 1.08
CA TYR D 91 13.95 -11.43 1.13
C TYR D 91 15.34 -11.40 0.52
N TYR D 92 15.57 -10.44 -0.38
CA TYR D 92 16.87 -10.29 -1.06
C TYR D 92 17.43 -8.91 -0.86
N CYS D 93 18.72 -8.80 -0.52
CA CYS D 93 19.39 -7.53 -0.64
C CYS D 93 19.95 -7.41 -2.05
N PHE D 94 20.22 -6.18 -2.46
CA PHE D 94 20.72 -5.86 -3.81
C PHE D 94 21.60 -4.61 -3.73
N GLN D 95 22.74 -4.64 -4.43
CA GLN D 95 23.55 -3.44 -4.62
C GLN D 95 23.49 -3.03 -6.08
N GLY D 96 23.13 -1.77 -6.28
CA GLY D 96 23.01 -1.13 -7.59
C GLY D 96 24.06 -0.07 -7.84
N SER D 97 25.21 -0.21 -7.17
CA SER D 97 26.25 0.81 -7.17
C SER D 97 27.41 0.53 -8.13
N HIS D 98 27.77 -0.73 -8.26
CA HIS D 98 28.91 -1.13 -9.11
C HIS D 98 28.48 -2.27 -10.01
N VAL D 99 28.64 -2.08 -11.32
CA VAL D 99 28.39 -3.13 -12.30
CA VAL D 99 28.40 -3.13 -12.31
C VAL D 99 29.43 -4.25 -12.15
N PRO D 100 29.00 -5.53 -12.24
CA PRO D 100 27.63 -6.01 -12.41
C PRO D 100 26.86 -5.86 -11.12
N PHE D 101 25.63 -5.36 -11.20
CA PHE D 101 24.78 -5.29 -10.00
C PHE D 101 24.54 -6.71 -9.48
N THR D 102 24.44 -6.87 -8.15
CA THR D 102 24.39 -8.19 -7.54
C THR D 102 23.40 -8.26 -6.39
N PHE D 103 22.83 -9.46 -6.25
CA PHE D 103 21.83 -9.76 -5.23
C PHE D 103 22.46 -10.64 -4.19
N GLY D 104 21.99 -10.55 -2.96
CA GLY D 104 22.28 -11.58 -1.96
C GLY D 104 21.57 -12.88 -2.30
N SER D 105 21.90 -13.96 -1.61
CA SER D 105 21.34 -15.28 -1.91
C SER D 105 19.90 -15.48 -1.44
N GLY D 106 19.37 -14.57 -0.66
CA GLY D 106 17.99 -14.65 -0.24
C GLY D 106 17.87 -15.27 1.15
N THR D 107 16.85 -14.82 1.87
CA THR D 107 16.52 -15.32 3.17
C THR D 107 15.04 -15.68 3.14
N LYS D 108 14.74 -16.95 3.34
CA LYS D 108 13.35 -17.37 3.40
C LYS D 108 12.80 -17.19 4.80
N LEU D 109 11.80 -16.30 4.94
CA LEU D 109 11.14 -16.08 6.22
C LEU D 109 9.99 -17.07 6.37
N GLU D 110 10.02 -17.80 7.48
CA GLU D 110 9.05 -18.82 7.80
C GLU D 110 8.36 -18.43 9.10
N ILE D 111 7.07 -18.74 9.21
CA ILE D 111 6.28 -18.36 10.38
C ILE D 111 6.10 -19.58 11.29
N LYS D 112 6.34 -19.37 12.58
CA LYS D 112 6.04 -20.35 13.60
C LYS D 112 4.61 -20.18 14.05
N ARG D 113 3.95 -21.29 14.34
CA ARG D 113 2.58 -21.23 14.84
C ARG D 113 2.25 -22.53 15.58
N ALA D 114 1.02 -22.61 16.10
CA ALA D 114 0.57 -23.78 16.84
C ALA D 114 0.39 -24.98 15.90
N ASP D 115 0.57 -26.17 16.45
CA ASP D 115 0.36 -27.41 15.70
C ASP D 115 -1.08 -27.49 15.21
N ALA D 116 -1.24 -28.03 13.99
CA ALA D 116 -2.54 -28.25 13.40
C ALA D 116 -2.55 -29.60 12.66
N ALA D 117 -3.63 -30.34 12.84
CA ALA D 117 -3.82 -31.61 12.17
C ALA D 117 -4.27 -31.36 10.74
N PRO D 118 -3.86 -32.23 9.82
CA PRO D 118 -4.25 -32.08 8.42
C PRO D 118 -5.72 -32.38 8.20
N THR D 119 -6.35 -31.68 7.27
CA THR D 119 -7.66 -32.08 6.78
C THR D 119 -7.42 -32.93 5.52
N VAL D 120 -7.86 -34.18 5.56
CA VAL D 120 -7.59 -35.16 4.51
C VAL D 120 -8.82 -35.41 3.65
N SER D 121 -8.62 -35.44 2.33
CA SER D 121 -9.68 -35.70 1.38
C SER D 121 -9.14 -36.59 0.25
N ILE D 122 -9.90 -37.63 -0.09
CA ILE D 122 -9.49 -38.59 -1.13
C ILE D 122 -10.49 -38.51 -2.29
N PHE D 123 -9.99 -38.63 -3.51
CA PHE D 123 -10.83 -38.50 -4.72
C PHE D 123 -10.51 -39.63 -5.70
N PRO D 124 -11.55 -40.31 -6.18
CA PRO D 124 -11.35 -41.34 -7.19
C PRO D 124 -11.01 -40.73 -8.55
N PRO D 125 -10.48 -41.54 -9.47
CA PRO D 125 -10.29 -41.06 -10.84
C PRO D 125 -11.58 -40.49 -11.39
N SER D 126 -11.48 -39.41 -12.15
CA SER D 126 -12.63 -38.88 -12.88
C SER D 126 -13.04 -39.83 -14.01
N SER D 127 -14.32 -39.78 -14.37
CA SER D 127 -14.80 -40.54 -15.52
C SER D 127 -14.09 -40.11 -16.79
N GLU D 128 -13.78 -38.82 -16.91
CA GLU D 128 -13.04 -38.32 -18.07
C GLU D 128 -11.66 -38.99 -18.22
N GLN D 129 -10.93 -39.11 -17.13
CA GLN D 129 -9.60 -39.73 -17.18
C GLN D 129 -9.71 -41.21 -17.55
N LEU D 130 -10.70 -41.89 -16.95
CA LEU D 130 -10.92 -43.31 -17.23
C LEU D 130 -11.18 -43.56 -18.72
N THR D 131 -11.92 -42.64 -19.34
CA THR D 131 -12.15 -42.72 -20.78
C THR D 131 -10.84 -42.64 -21.56
N SER D 132 -9.86 -41.90 -21.05
CA SER D 132 -8.56 -41.82 -21.71
C SER D 132 -7.62 -42.99 -21.38
N GLY D 133 -8.03 -43.90 -20.50
CA GLY D 133 -7.25 -45.12 -20.22
C GLY D 133 -6.27 -45.04 -19.06
N GLY D 134 -6.30 -43.93 -18.33
CA GLY D 134 -5.52 -43.78 -17.09
C GLY D 134 -6.43 -43.68 -15.86
N ALA D 135 -5.82 -43.84 -14.69
CA ALA D 135 -6.52 -43.75 -13.41
C ALA D 135 -5.59 -43.14 -12.35
N SER D 136 -5.89 -41.92 -11.93
CA SER D 136 -5.15 -41.25 -10.85
C SER D 136 -6.04 -41.09 -9.64
N VAL D 137 -5.55 -41.49 -8.49
CA VAL D 137 -6.28 -41.31 -7.24
C VAL D 137 -5.57 -40.21 -6.48
N VAL D 138 -6.33 -39.19 -6.06
CA VAL D 138 -5.74 -38.01 -5.46
C VAL D 138 -6.14 -37.88 -4.00
N CYS D 139 -5.16 -37.56 -3.17
CA CYS D 139 -5.36 -37.32 -1.75
C CYS D 139 -4.74 -35.97 -1.38
N PHE D 140 -5.56 -35.07 -0.83
CA PHE D 140 -5.07 -33.79 -0.31
C PHE D 140 -4.96 -33.86 1.20
N LEU D 141 -3.82 -33.44 1.72
CA LEU D 141 -3.61 -33.30 3.15
C LEU D 141 -3.38 -31.81 3.41
N ASN D 142 -4.40 -31.13 3.90
CA ASN D 142 -4.40 -29.65 3.88
C ASN D 142 -4.35 -28.98 5.23
N ASN D 143 -3.64 -27.85 5.27
CA ASN D 143 -3.57 -26.95 6.41
C ASN D 143 -3.09 -27.58 7.69
N PHE D 144 -1.90 -28.16 7.64
CA PHE D 144 -1.28 -28.75 8.82
C PHE D 144 0.00 -28.02 9.19
N TYR D 145 0.44 -28.27 10.42
CA TYR D 145 1.68 -27.71 10.95
C TYR D 145 2.18 -28.60 12.06
N PRO D 146 3.49 -28.90 12.09
CA PRO D 146 4.56 -28.43 11.23
C PRO D 146 4.60 -29.20 9.90
N LYS D 147 5.56 -28.86 9.06
CA LYS D 147 5.59 -29.28 7.67
C LYS D 147 5.79 -30.77 7.43
N ASP D 148 6.39 -31.48 8.38
CA ASP D 148 6.68 -32.91 8.19
C ASP D 148 5.42 -33.73 8.31
N ILE D 149 5.20 -34.61 7.35
CA ILE D 149 4.04 -35.47 7.35
C ILE D 149 4.34 -36.72 6.54
N ASN D 150 3.64 -37.81 6.84
CA ASN D 150 3.82 -39.07 6.10
C ASN D 150 2.50 -39.46 5.51
N VAL D 151 2.52 -39.91 4.27
CA VAL D 151 1.31 -40.43 3.62
C VAL D 151 1.60 -41.85 3.14
N LYS D 152 0.65 -42.76 3.34
CA LYS D 152 0.75 -44.09 2.77
C LYS D 152 -0.55 -44.47 2.07
N TRP D 153 -0.41 -45.20 0.97
CA TRP D 153 -1.55 -45.66 0.20
C TRP D 153 -1.73 -47.16 0.39
N LYS D 154 -2.98 -47.60 0.49
CA LYS D 154 -3.27 -49.02 0.55
C LYS D 154 -4.37 -49.34 -0.43
N ILE D 155 -4.20 -50.46 -1.13
CA ILE D 155 -5.20 -50.97 -2.05
C ILE D 155 -5.65 -52.34 -1.54
N ASP D 156 -6.93 -52.45 -1.20
CA ASP D 156 -7.47 -53.67 -0.58
C ASP D 156 -6.62 -54.10 0.60
N GLY D 157 -6.32 -53.14 1.48
CA GLY D 157 -5.58 -53.41 2.70
C GLY D 157 -4.08 -53.51 2.56
N SER D 158 -3.57 -53.47 1.33
CA SER D 158 -2.16 -53.71 1.10
C SER D 158 -1.44 -52.44 0.70
N GLU D 159 -0.32 -52.17 1.38
CA GLU D 159 0.43 -50.95 1.16
C GLU D 159 0.95 -50.94 -0.27
N ARG D 160 1.02 -49.75 -0.86
CA ARG D 160 1.57 -49.60 -2.19
C ARG D 160 2.49 -48.39 -2.21
N GLN D 161 3.78 -48.64 -2.39
CA GLN D 161 4.79 -47.60 -2.51
C GLN D 161 5.03 -47.15 -3.95
N ASN D 162 4.78 -48.03 -4.91
CA ASN D 162 4.97 -47.71 -6.32
C ASN D 162 3.82 -46.89 -6.96
N GLY D 163 4.21 -45.90 -7.76
CA GLY D 163 3.30 -45.07 -8.54
C GLY D 163 2.77 -43.82 -7.82
N VAL D 164 3.38 -43.47 -6.69
CA VAL D 164 2.90 -42.36 -5.88
C VAL D 164 3.76 -41.13 -6.09
N LEU D 165 3.14 -39.99 -6.36
CA LEU D 165 3.87 -38.72 -6.53
C LEU D 165 3.32 -37.68 -5.57
N ASN D 166 4.23 -36.97 -4.92
CA ASN D 166 3.90 -36.09 -3.83
C ASN D 166 4.38 -34.66 -4.08
N SER D 167 3.64 -33.69 -3.55
CA SER D 167 3.98 -32.29 -3.77
C SER D 167 3.55 -31.46 -2.56
N TRP D 168 4.39 -30.51 -2.14
CA TRP D 168 4.14 -29.69 -0.96
C TRP D 168 4.01 -28.22 -1.34
N THR D 169 3.02 -27.54 -0.77
CA THR D 169 2.91 -26.11 -0.98
C THR D 169 3.91 -25.34 -0.16
N ASP D 170 4.13 -24.11 -0.57
CA ASP D 170 4.75 -23.13 0.30
C ASP D 170 3.79 -22.83 1.47
N GLN D 171 4.33 -22.26 2.53
CA GLN D 171 3.53 -21.90 3.69
C GLN D 171 2.39 -20.94 3.29
N ASP D 172 1.24 -21.11 3.91
CA ASP D 172 0.07 -20.31 3.58
C ASP D 172 0.21 -18.92 4.20
N SER D 173 -0.07 -17.88 3.44
CA SER D 173 0.15 -16.51 3.93
C SER D 173 -0.93 -16.04 4.89
N LYS D 174 -2.03 -16.80 5.02
CA LYS D 174 -3.12 -16.43 5.93
C LYS D 174 -3.08 -17.16 7.25
N ASP D 175 -2.94 -18.49 7.22
CA ASP D 175 -2.95 -19.25 8.48
C ASP D 175 -1.63 -19.92 8.82
N SER D 176 -0.60 -19.64 8.02
CA SER D 176 0.74 -20.13 8.24
C SER D 176 0.85 -21.67 8.27
N THR D 177 -0.06 -22.36 7.60
CA THR D 177 0.04 -23.81 7.52
C THR D 177 0.67 -24.27 6.22
N TYR D 178 0.90 -25.58 6.15
CA TYR D 178 1.39 -26.24 4.96
C TYR D 178 0.32 -27.20 4.46
N SER D 179 0.42 -27.55 3.18
CA SER D 179 -0.45 -28.55 2.59
C SER D 179 0.36 -29.46 1.71
N MET D 180 -0.19 -30.64 1.43
CA MET D 180 0.47 -31.62 0.61
C MET D 180 -0.53 -32.38 -0.25
N SER D 181 -0.12 -32.68 -1.48
CA SER D 181 -0.94 -33.43 -2.41
C SER D 181 -0.21 -34.74 -2.72
N SER D 182 -0.93 -35.86 -2.71
CA SER D 182 -0.37 -37.15 -3.06
C SER D 182 -1.24 -37.78 -4.11
N THR D 183 -0.62 -38.24 -5.20
CA THR D 183 -1.34 -38.84 -6.31
C THR D 183 -0.81 -40.23 -6.60
N LEU D 184 -1.71 -41.20 -6.56
CA LEU D 184 -1.41 -42.58 -6.93
C LEU D 184 -1.87 -42.80 -8.36
N THR D 185 -0.93 -43.06 -9.27
CA THR D 185 -1.31 -43.28 -10.66
C THR D 185 -1.17 -44.74 -11.04
N LEU D 186 -2.24 -45.26 -11.67
CA LEU D 186 -2.36 -46.66 -12.06
C LEU D 186 -2.85 -46.71 -13.48
N THR D 187 -2.73 -47.89 -14.08
CA THR D 187 -3.42 -48.15 -15.33
C THR D 187 -4.88 -48.34 -14.96
N LYS D 188 -5.76 -47.99 -15.89
CA LYS D 188 -7.17 -48.28 -15.75
C LYS D 188 -7.35 -49.78 -15.46
N ASP D 189 -6.56 -50.62 -16.12
CA ASP D 189 -6.66 -52.07 -15.93
C ASP D 189 -6.46 -52.45 -14.48
N GLU D 190 -5.38 -51.97 -13.87
CA GLU D 190 -5.12 -52.31 -12.47
C GLU D 190 -6.16 -51.69 -11.53
N TYR D 191 -6.61 -50.48 -11.85
CA TYR D 191 -7.60 -49.76 -11.03
C TYR D 191 -8.89 -50.57 -10.96
N GLU D 192 -9.33 -51.04 -12.12
CA GLU D 192 -10.59 -51.78 -12.25
C GLU D 192 -10.57 -53.14 -11.55
N ARG D 193 -9.38 -53.69 -11.33
CA ARG D 193 -9.28 -55.01 -10.67
C ARG D 193 -9.37 -54.98 -9.14
N HIS D 194 -9.27 -53.80 -8.54
CA HIS D 194 -9.39 -53.69 -7.08
C HIS D 194 -10.56 -52.82 -6.68
N ASN D 195 -10.96 -52.91 -5.42
CA ASN D 195 -12.11 -52.16 -4.95
C ASN D 195 -11.83 -51.08 -3.89
N SER D 196 -10.88 -51.30 -3.00
CA SER D 196 -10.67 -50.39 -1.89
C SER D 196 -9.40 -49.58 -2.03
N TYR D 197 -9.52 -48.26 -1.97
CA TYR D 197 -8.37 -47.34 -2.11
C TYR D 197 -8.31 -46.44 -0.89
N THR D 198 -7.16 -46.41 -0.25
CA THR D 198 -7.02 -45.79 1.04
C THR D 198 -5.79 -44.89 1.07
N CYS D 199 -6.01 -43.67 1.55
CA CYS D 199 -4.96 -42.68 1.79
C CYS D 199 -4.97 -42.40 3.27
N GLU D 200 -3.84 -42.62 3.95
CA GLU D 200 -3.75 -42.31 5.37
C GLU D 200 -2.50 -41.50 5.71
N ALA D 201 -2.67 -40.56 6.62
CA ALA D 201 -1.65 -39.57 6.92
C ALA D 201 -1.21 -39.72 8.35
N THR D 202 0.09 -39.76 8.55
CA THR D 202 0.67 -39.77 9.87
C THR D 202 1.29 -38.41 10.12
N HIS D 203 0.81 -37.75 11.18
CA HIS D 203 1.29 -36.42 11.54
C HIS D 203 1.54 -36.38 13.05
N LYS D 204 2.49 -35.54 13.46
CA LYS D 204 2.85 -35.45 14.86
C LYS D 204 1.68 -35.01 15.77
N THR D 205 0.62 -34.43 15.19
CA THR D 205 -0.55 -34.05 15.97
C THR D 205 -1.25 -35.24 16.62
N SER D 206 -1.16 -36.42 16.01
CA SER D 206 -1.78 -37.61 16.60
C SER D 206 -0.94 -38.87 16.49
N THR D 207 -1.13 -39.79 17.43
CA THR D 207 -0.46 -41.09 17.40
C THR D 207 -1.08 -41.98 16.33
N SER D 208 -2.39 -41.84 16.12
CA SER D 208 -3.12 -42.62 15.12
C SER D 208 -3.21 -41.90 13.77
N PRO D 209 -2.98 -42.63 12.65
CA PRO D 209 -3.09 -41.96 11.36
C PRO D 209 -4.51 -41.57 11.01
N ILE D 210 -4.67 -40.46 10.28
CA ILE D 210 -5.96 -40.07 9.73
C ILE D 210 -6.13 -40.83 8.43
N VAL D 211 -7.28 -41.48 8.28
CA VAL D 211 -7.51 -42.41 7.19
C VAL D 211 -8.72 -41.97 6.38
N LYS D 212 -8.54 -41.92 5.07
CA LYS D 212 -9.66 -41.68 4.16
C LYS D 212 -9.64 -42.72 3.05
N SER D 213 -10.82 -43.19 2.65
CA SER D 213 -10.91 -44.21 1.62
C SER D 213 -12.24 -44.20 0.89
N PHE D 214 -12.30 -44.95 -0.20
CA PHE D 214 -13.54 -45.16 -0.94
C PHE D 214 -13.50 -46.53 -1.57
N ASN D 215 -14.68 -47.04 -1.95
CA ASN D 215 -14.79 -48.25 -2.75
C ASN D 215 -15.16 -47.90 -4.18
N ARG D 216 -14.41 -48.43 -5.14
CA ARG D 216 -14.71 -48.21 -6.56
C ARG D 216 -16.12 -48.69 -6.91
N ASN D 217 -16.47 -49.88 -6.46
CA ASN D 217 -17.76 -50.47 -6.84
C ASN D 217 -18.93 -49.70 -6.23
N GLU D 218 -18.68 -49.03 -5.12
CA GLU D 218 -19.72 -48.40 -4.34
C GLU D 218 -19.74 -46.89 -4.59
N ASP E 9 8.97 50.91 -12.80
CA ASP E 9 9.14 51.18 -11.35
C ASP E 9 9.91 50.06 -10.61
N CSO E 10 10.02 50.25 -9.31
CA CSO E 10 10.92 49.50 -8.47
CB CSO E 10 12.01 50.50 -8.10
SG CSO E 10 13.17 49.82 -6.99
C CSO E 10 10.13 49.12 -7.25
O CSO E 10 9.40 49.94 -6.71
OD CSO E 10 12.50 50.02 -5.37
N ILE E 11 10.24 47.86 -6.85
CA ILE E 11 9.55 47.33 -5.69
C ILE E 11 10.56 46.69 -4.74
N LEU E 12 10.51 47.05 -3.46
CA LEU E 12 11.37 46.39 -2.49
C LEU E 12 10.83 45.00 -2.16
N GLU E 13 11.63 43.98 -2.48
CA GLU E 13 11.22 42.58 -2.29
C GLU E 13 11.43 42.06 -0.87
N ARG E 14 10.63 41.07 -0.52
CA ARG E 14 10.75 40.41 0.79
C ARG E 14 12.11 39.80 1.02
N ASP E 15 12.78 39.39 -0.06
CA ASP E 15 14.09 38.81 0.08
C ASP E 15 15.22 39.83 -0.01
N GLY E 16 14.88 41.12 -0.10
CA GLY E 16 15.92 42.18 -0.15
C GLY E 16 16.31 42.63 -1.55
N SER E 17 15.87 41.91 -2.59
CA SER E 17 16.02 42.42 -3.95
C SER E 17 15.19 43.69 -4.17
N ARG E 18 15.53 44.42 -5.22
CA ARG E 18 14.66 45.46 -5.75
C ARG E 18 14.27 45.02 -7.14
N SER E 19 12.99 44.79 -7.33
CA SER E 19 12.50 44.22 -8.57
C SER E 19 11.89 45.24 -9.49
N ASP F 9 21.92 15.73 -26.22
CA ASP F 9 21.17 14.43 -26.12
C ASP F 9 21.71 13.49 -25.04
N CSO F 10 22.96 13.71 -24.63
CA CSO F 10 23.68 12.93 -23.64
CB CSO F 10 24.82 13.86 -23.25
SG CSO F 10 25.99 13.11 -22.18
C CSO F 10 22.90 12.56 -22.39
O CSO F 10 22.22 13.39 -21.81
OD CSO F 10 25.43 13.37 -20.54
N ILE F 11 23.01 11.31 -21.97
CA ILE F 11 22.39 10.83 -20.74
C ILE F 11 23.46 10.21 -19.86
N LEU F 12 23.50 10.60 -18.59
CA LEU F 12 24.43 9.98 -17.66
C LEU F 12 23.86 8.61 -17.25
N GLU F 13 24.59 7.57 -17.60
CA GLU F 13 24.16 6.19 -17.35
C GLU F 13 24.41 5.75 -15.91
N ARG F 14 23.62 4.78 -15.48
CA ARG F 14 23.80 4.14 -14.16
C ARG F 14 25.19 3.59 -13.96
N ASP F 15 25.80 3.13 -15.04
CA ASP F 15 27.09 2.46 -14.95
C ASP F 15 28.24 3.42 -15.18
N GLY F 16 27.96 4.71 -15.32
CA GLY F 16 29.00 5.71 -15.48
C GLY F 16 29.31 6.10 -16.93
N SER F 17 28.75 5.36 -17.90
CA SER F 17 28.83 5.81 -19.28
C SER F 17 28.05 7.11 -19.50
N ARG F 18 28.36 7.81 -20.58
CA ARG F 18 27.51 8.88 -21.08
C ARG F 18 27.01 8.43 -22.44
N SER F 19 25.71 8.25 -22.55
CA SER F 19 25.13 7.65 -23.75
C SER F 19 24.48 8.66 -24.66
S SO4 G . -7.47 43.16 2.27
O1 SO4 G . -7.09 42.85 0.86
O2 SO4 G . -8.94 43.41 2.37
O3 SO4 G . -7.27 42.03 3.17
O4 SO4 G . -6.68 44.30 2.62
C1 GOL H . 11.67 18.59 0.02
O1 GOL H . 10.47 18.24 0.77
C2 GOL H . 11.62 18.11 -1.45
O2 GOL H . 11.22 16.73 -1.50
C3 GOL H . 12.97 18.26 -2.15
O3 GOL H . 12.77 18.89 -3.44
S SO4 I . 18.01 40.10 4.62
O1 SO4 I . 17.32 40.83 3.50
O2 SO4 I . 17.83 38.61 4.52
O3 SO4 I . 17.43 40.68 5.86
O4 SO4 I . 19.47 40.33 4.59
C1 GOL J . 23.97 36.59 13.72
O1 GOL J . 22.93 36.07 14.54
C2 GOL J . 23.32 37.43 12.63
O2 GOL J . 23.52 36.77 11.37
C3 GOL J . 23.87 38.85 12.57
O3 GOL J . 22.83 39.77 12.25
C1 GOL K . -8.04 30.26 19.18
O1 GOL K . -8.80 29.09 19.50
C2 GOL K . -8.70 30.99 18.02
O2 GOL K . -8.89 30.10 16.92
C3 GOL K . -7.81 32.12 17.57
O3 GOL K . -8.46 32.79 16.50
C1 GOL L . -10.19 41.11 20.67
O1 GOL L . -10.50 39.72 20.46
C2 GOL L . -10.26 41.87 19.35
O2 GOL L . -11.26 41.27 18.52
C3 GOL L . -8.90 41.87 18.66
O3 GOL L . -8.99 42.36 17.31
C1 GOL M . 24.97 -18.19 -15.53
O1 GOL M . 23.69 -18.22 -14.87
C2 GOL M . 24.84 -18.26 -17.06
O2 GOL M . 24.38 -19.56 -17.48
C3 GOL M . 26.16 -17.94 -17.75
O3 GOL M . 25.96 -17.80 -19.17
C1 GOL N . 4.51 -7.17 3.88
O1 GOL N . 3.69 -8.32 3.84
C2 GOL N . 4.18 -6.19 2.75
O2 GOL N . 3.88 -6.87 1.55
C3 GOL N . 5.41 -5.36 2.48
O3 GOL N . 5.11 -4.41 1.45
#